data_9FXT
#
_entry.id   9FXT
#
_cell.length_a   48.355
_cell.length_b   125.277
_cell.length_c   190.759
_cell.angle_alpha   90.00
_cell.angle_beta   90.00
_cell.angle_gamma   90.00
#
_symmetry.space_group_name_H-M   'P 21 21 21'
#
loop_
_entity.id
_entity.type
_entity.pdbx_description
1 polymer 'L2A5 Fab Heavy Chain'
2 polymer 'Anti kappa Variable Heavy Chain'
3 polymer 'L2A5 Fab Light Chain'
4 branched 'N-acetyl-alpha-neuraminic acid-(2-6)-2-acetamido-2-deoxy-alpha-D-galactopyranose'
5 non-polymer SERINE
6 non-polymer GLYCEROL
7 non-polymer DI(HYDROXYETHYL)ETHER
8 water water
#
loop_
_entity_poly.entity_id
_entity_poly.type
_entity_poly.pdbx_seq_one_letter_code
_entity_poly.pdbx_strand_id
1 'polypeptide(L)'
;EVQLQESGPGLVKPSQSLSLTCSVIGYSITSGYYWNWIRQFPGNKLEWMGSINYDGSNIYNPSLKDRISITRDTSKNQFF
LKLNSVTTEDTATYYCARGGDYWGQGTSVTVSSASTKGPSVFPLAPSSKSTSGGTAALGCLVKDYFPEPVTVSWNSGALT
SGVHTFPAVLQSSGLYSLSSVVTVPSSSLGTQTYICNVNHKPSNTKVDKRVEPKSC
;
H,I
2 'polypeptide(L)'
;(UNK)VQL(UNK)(UNK)SGGG(UNK)VQ(UNK)G(UNK)SL(UNK)LSC(UNK)A(UNK)(UNK)(UNK)(UNK)
(UNK)(UNK)(UNK)(UNK)(UNK)(UNK)(UNK)W(UNK)RQ(UNK)PG(UNK)(UNK)RE(UNK)V(UNK)(UNK)
(UNK)(UNK)(UNK)(UNK)(UNK)(UNK)(UNK)(UNK)(UNK)(UNK)(UNK)DS(UNK)(UNK)GRFT(UNK)S
(UNK)D(UNK)(UNK)(UNK)(UNK)(UNK)(UNK)(UNK)LQ(UNK)(UNK)(UNK)L(UNK)(UNK)(UNK)D(UNK)
A(UNK)YYC(UNK)(UNK)(UNK)(UNK)(UNK)(UNK)(UNK)(UNK)(UNK)(UNK)(UNK)(UNK)(UNK)(UNK)W
G(UNK)GT(UNK)VTVSSHHHHHH
;
K,V
3 'polypeptide(L)'
;DIVLTQTPAIMSASPGEKVTLTCSASSSVSYMHWFQQKSGTSPKRWIYDTSKLASGVPARFSGSGSGTSYSLTISSMEAE
DAAAYYCQQWSSDPPMLTFGAGTKLELKRTVAAPSVFIFPPSDEQLKSGTASVVCLLNNFYPREAKVQWKVDNALQSGNS
QESVTEQDSKDSTYSLSSTLTLSKADYEKHKVYACEVTHQGLSSPVTKSFNRGEC
;
L,M
#
# COMPACT_ATOMS: atom_id res chain seq x y z
N VAL A 2 -35.07 2.63 11.88
CA VAL A 2 -33.82 1.88 11.89
C VAL A 2 -32.80 2.55 10.97
N GLN A 3 -31.63 2.86 11.52
CA GLN A 3 -30.56 3.51 10.76
C GLN A 3 -29.28 2.70 10.89
N LEU A 4 -28.64 2.42 9.75
CA LEU A 4 -27.37 1.70 9.70
C LEU A 4 -26.33 2.58 9.02
N GLN A 5 -25.11 2.58 9.56
CA GLN A 5 -24.03 3.40 9.03
C GLN A 5 -22.77 2.55 8.93
N GLU A 6 -22.14 2.56 7.76
CA GLU A 6 -20.88 1.86 7.55
C GLU A 6 -19.70 2.78 7.86
N SER A 7 -18.61 2.17 8.33
CA SER A 7 -17.39 2.91 8.62
C SER A 7 -16.20 1.97 8.46
N GLY A 8 -15.04 2.57 8.20
CA GLY A 8 -13.83 1.81 7.97
C GLY A 8 -12.99 2.39 6.87
N PRO A 9 -11.82 1.78 6.61
CA PRO A 9 -10.92 2.32 5.59
C PRO A 9 -11.48 2.10 4.19
N GLY A 10 -11.26 3.09 3.33
CA GLY A 10 -11.64 3.00 1.94
C GLY A 10 -10.57 2.50 1.01
N LEU A 11 -9.36 2.26 1.53
CA LEU A 11 -8.25 1.77 0.72
C LEU A 11 -7.56 0.66 1.51
N VAL A 12 -7.51 -0.54 0.93
CA VAL A 12 -6.82 -1.68 1.52
C VAL A 12 -5.86 -2.25 0.49
N LYS A 13 -4.71 -2.71 0.94
CA LYS A 13 -3.72 -3.29 0.05
C LYS A 13 -4.12 -4.73 -0.30
N PRO A 14 -3.77 -5.19 -1.50
CA PRO A 14 -4.08 -6.58 -1.87
C PRO A 14 -3.42 -7.56 -0.91
N SER A 15 -4.11 -8.68 -0.67
CA SER A 15 -3.73 -9.76 0.24
C SER A 15 -3.83 -9.38 1.71
N GLN A 16 -4.14 -8.12 2.04
CA GLN A 16 -4.34 -7.71 3.41
C GLN A 16 -5.80 -7.93 3.82
N SER A 17 -6.23 -7.31 4.91
CA SER A 17 -7.56 -7.54 5.48
C SER A 17 -8.42 -6.31 5.35
N LEU A 18 -9.68 -6.52 4.94
CA LEU A 18 -10.68 -5.46 4.88
C LEU A 18 -11.63 -5.60 6.06
N SER A 19 -11.66 -4.58 6.92
CA SER A 19 -12.51 -4.58 8.09
C SER A 19 -13.48 -3.41 8.03
N LEU A 20 -14.78 -3.69 8.15
CA LEU A 20 -15.80 -2.66 8.13
C LEU A 20 -16.73 -2.85 9.32
N THR A 21 -17.14 -1.73 9.92
CA THR A 21 -18.05 -1.73 11.06
C THR A 21 -19.36 -1.07 10.66
N CYS A 22 -20.46 -1.66 11.10
CA CYS A 22 -21.80 -1.11 10.87
C CYS A 22 -22.45 -0.79 12.20
N SER A 23 -22.80 0.48 12.41
CA SER A 23 -23.49 0.91 13.62
C SER A 23 -24.99 0.90 13.37
N VAL A 24 -25.72 0.19 14.23
CA VAL A 24 -27.16 0.04 14.05
C VAL A 24 -27.89 0.87 15.10
N GLY A 26 -31.36 1.80 16.78
CA GLY A 26 -32.79 1.93 16.60
C GLY A 26 -33.53 0.61 16.67
N TYR A 27 -32.78 -0.48 16.78
CA TYR A 27 -33.36 -1.83 16.82
C TYR A 27 -32.29 -2.82 17.25
N SER A 28 -32.72 -3.85 17.98
CA SER A 28 -31.83 -4.85 18.55
C SER A 28 -31.48 -5.93 17.53
N ILE A 29 -30.35 -6.60 17.77
CA ILE A 29 -29.86 -7.62 16.85
C ILE A 29 -30.36 -9.02 17.17
N THR A 30 -31.09 -9.21 18.26
CA THR A 30 -31.65 -10.52 18.57
C THR A 30 -33.13 -10.61 18.20
N TYR A 34 -32.23 -11.47 10.04
CA TYR A 34 -30.82 -11.57 9.72
C TYR A 34 -30.25 -10.19 9.36
N TRP A 35 -29.00 -9.96 9.74
CA TRP A 35 -28.29 -8.71 9.44
C TRP A 35 -27.18 -9.01 8.43
N ASN A 36 -27.32 -8.44 7.24
CA ASN A 36 -26.57 -8.85 6.06
C ASN A 36 -25.52 -7.81 5.68
N TRP A 37 -24.45 -8.31 5.06
CA TRP A 37 -23.51 -7.50 4.31
C TRP A 37 -23.69 -7.80 2.83
N ILE A 38 -23.93 -6.76 2.04
CA ILE A 38 -24.18 -6.90 0.60
C ILE A 38 -23.29 -5.90 -0.13
N ARG A 39 -22.58 -6.36 -1.16
CA ARG A 39 -21.69 -5.47 -1.88
C ARG A 39 -22.12 -5.36 -3.34
N GLN A 40 -21.74 -4.23 -3.95
CA GLN A 40 -22.05 -3.93 -5.34
C GLN A 40 -20.76 -3.56 -6.04
N PHE A 41 -20.45 -4.28 -7.12
CA PHE A 41 -19.22 -4.10 -7.85
C PHE A 41 -19.32 -2.86 -8.73
N PRO A 42 -18.20 -2.38 -9.29
CA PRO A 42 -18.27 -1.31 -10.29
C PRO A 42 -19.26 -1.57 -11.42
N GLY A 43 -19.51 -2.83 -11.75
CA GLY A 43 -20.42 -3.18 -12.82
C GLY A 43 -21.88 -3.19 -12.40
N ASN A 44 -22.16 -2.79 -11.16
CA ASN A 44 -23.50 -2.63 -10.60
C ASN A 44 -24.16 -3.97 -10.29
N LYS A 45 -23.37 -5.03 -10.15
CA LYS A 45 -23.88 -6.33 -9.74
C LYS A 45 -23.93 -6.40 -8.23
N LEU A 46 -25.08 -6.78 -7.69
CA LEU A 46 -25.26 -6.91 -6.25
C LEU A 46 -24.98 -8.36 -5.85
N GLU A 47 -24.34 -8.53 -4.69
CA GLU A 47 -23.99 -9.87 -4.21
C GLU A 47 -24.12 -9.90 -2.70
N TRP A 48 -24.99 -10.77 -2.20
CA TRP A 48 -25.10 -11.00 -0.77
C TRP A 48 -23.91 -11.84 -0.28
N MET A 49 -23.16 -11.30 0.67
CA MET A 49 -21.98 -12.00 1.18
C MET A 49 -22.31 -12.88 2.39
N GLY A 50 -22.99 -12.33 3.39
CA GLY A 50 -23.30 -13.12 4.57
C GLY A 50 -24.23 -12.39 5.50
N SER A 51 -24.58 -13.07 6.59
CA SER A 51 -25.52 -12.53 7.57
C SER A 51 -25.17 -13.06 8.96
N ILE A 52 -25.33 -12.20 9.96
CA ILE A 52 -25.26 -12.58 11.36
C ILE A 52 -26.55 -12.16 12.05
N ASN A 53 -26.97 -12.98 13.02
CA ASN A 53 -28.20 -12.73 13.77
C ASN A 53 -27.94 -11.73 14.89
N TYR A 60 -23.22 -17.83 5.22
CA TYR A 60 -22.35 -17.12 4.30
C TYR A 60 -22.57 -17.59 2.86
N ASN A 61 -22.22 -16.73 1.91
CA ASN A 61 -22.28 -17.11 0.51
C ASN A 61 -21.17 -18.11 0.21
N PRO A 62 -21.48 -19.26 -0.40
CA PRO A 62 -20.41 -20.21 -0.72
C PRO A 62 -19.28 -19.65 -1.57
N SER A 63 -19.55 -18.62 -2.39
CA SER A 63 -18.49 -18.02 -3.19
C SER A 63 -17.39 -17.40 -2.34
N LEU A 64 -17.65 -17.09 -1.07
CA LEU A 64 -16.68 -16.42 -0.22
C LEU A 64 -16.55 -17.04 1.18
N LYS A 65 -17.15 -18.19 1.44
CA LYS A 65 -17.23 -18.70 2.81
C LYS A 65 -15.85 -18.98 3.42
N ASP A 66 -14.82 -19.20 2.59
CA ASP A 66 -13.51 -19.55 3.12
C ASP A 66 -12.74 -18.37 3.68
N ARG A 67 -13.18 -17.13 3.43
CA ARG A 67 -12.41 -15.97 3.86
C ARG A 67 -13.29 -14.84 4.41
N ILE A 68 -14.50 -15.17 4.85
CA ILE A 68 -15.43 -14.14 5.32
C ILE A 68 -15.65 -14.25 6.82
N ILE A 70 -17.98 -12.57 9.82
CA ILE A 70 -18.93 -11.58 10.34
C ILE A 70 -19.16 -11.80 11.83
N THR A 71 -18.81 -10.81 12.63
CA THR A 71 -18.92 -10.86 14.08
C THR A 71 -19.90 -9.78 14.56
N ARG A 72 -20.05 -9.67 15.87
CA ARG A 72 -21.00 -8.75 16.46
C ARG A 72 -20.54 -8.33 17.84
N ASP A 73 -20.96 -7.12 18.24
CA ASP A 73 -20.68 -6.58 19.57
C ASP A 73 -21.92 -5.86 20.07
N THR A 74 -22.45 -6.29 21.21
CA THR A 74 -23.71 -5.78 21.72
C THR A 74 -23.56 -4.54 22.60
N SER A 75 -22.34 -4.20 23.05
CA SER A 75 -22.17 -3.04 23.90
C SER A 75 -22.47 -1.74 23.17
N LYS A 76 -22.01 -1.62 21.91
CA LYS A 76 -22.28 -0.45 21.10
C LYS A 76 -23.31 -0.72 20.00
N ASN A 77 -23.89 -1.91 19.97
CA ASN A 77 -24.90 -2.29 18.98
C ASN A 77 -24.35 -2.16 17.56
N GLN A 78 -23.27 -2.89 17.31
CA GLN A 78 -22.57 -2.87 16.03
C GLN A 78 -22.31 -4.30 15.59
N PHE A 79 -22.28 -4.51 14.27
CA PHE A 79 -21.82 -5.78 13.72
C PHE A 79 -20.83 -5.50 12.60
N PHE A 80 -19.87 -6.42 12.44
CA PHE A 80 -18.66 -6.14 11.69
C PHE A 80 -18.43 -7.18 10.60
N LEU A 81 -17.73 -6.76 9.55
CA LEU A 81 -17.35 -7.62 8.45
C LEU A 81 -15.84 -7.77 8.40
N LYS A 82 -15.37 -8.99 8.18
CA LYS A 82 -13.96 -9.29 8.04
C LYS A 82 -13.74 -10.09 6.76
N LEU A 83 -13.04 -9.50 5.80
CA LEU A 83 -12.71 -10.16 4.53
C LEU A 83 -11.20 -10.17 4.37
N ASN A 84 -10.59 -11.36 4.41
CA ASN A 84 -9.14 -11.52 4.35
C ASN A 84 -8.70 -11.89 2.94
N SER A 85 -7.43 -11.61 2.66
CA SER A 85 -6.77 -11.93 1.39
C SER A 85 -7.55 -11.33 0.21
N VAL A 86 -7.65 -10.01 0.22
CA VAL A 86 -8.41 -9.30 -0.78
C VAL A 86 -7.60 -9.16 -2.06
N THR A 87 -8.29 -9.16 -3.19
CA THR A 87 -7.72 -8.90 -4.50
C THR A 87 -8.40 -7.68 -5.11
N THR A 88 -7.93 -7.27 -6.29
CA THR A 88 -8.53 -6.11 -6.95
C THR A 88 -9.99 -6.35 -7.32
N GLU A 89 -10.41 -7.61 -7.44
CA GLU A 89 -11.81 -7.91 -7.71
C GLU A 89 -12.72 -7.61 -6.52
N ASP A 90 -12.15 -7.40 -5.33
CA ASP A 90 -12.94 -7.06 -4.15
C ASP A 90 -13.23 -5.57 -4.03
N THR A 91 -12.72 -4.75 -4.94
CA THR A 91 -13.09 -3.34 -4.99
C THR A 91 -14.59 -3.21 -5.23
N ALA A 92 -15.29 -2.58 -4.29
CA ALA A 92 -16.75 -2.53 -4.39
C ALA A 92 -17.31 -1.56 -3.36
N THR A 93 -18.59 -1.25 -3.50
CA THR A 93 -19.33 -0.50 -2.49
C THR A 93 -20.04 -1.47 -1.57
N TYR A 94 -19.76 -1.38 -0.27
CA TYR A 94 -20.28 -2.31 0.72
C TYR A 94 -21.40 -1.66 1.52
N TYR A 95 -22.51 -2.37 1.65
CA TYR A 95 -23.68 -1.94 2.40
C TYR A 95 -23.95 -2.94 3.52
N CYS A 96 -24.32 -2.43 4.70
CA CYS A 96 -24.92 -3.27 5.71
C CYS A 96 -26.43 -3.02 5.75
N ALA A 97 -27.18 -4.08 6.05
CA ALA A 97 -28.63 -3.98 5.99
C ALA A 97 -29.24 -4.94 7.00
N ARG A 98 -30.49 -4.64 7.39
CA ARG A 98 -31.31 -5.56 8.16
C ARG A 98 -32.26 -6.25 7.19
N GLY A 99 -32.08 -7.56 7.00
CA GLY A 99 -32.85 -8.28 6.01
C GLY A 99 -32.77 -7.65 4.64
N GLY A 100 -33.82 -6.94 4.24
CA GLY A 100 -33.81 -6.20 2.99
C GLY A 100 -34.58 -4.90 3.05
N ASP A 101 -35.12 -4.57 4.23
CA ASP A 101 -35.99 -3.41 4.37
C ASP A 101 -35.23 -2.13 4.69
N TYR A 102 -34.16 -2.21 5.47
CA TYR A 102 -33.39 -1.04 5.85
C TYR A 102 -31.93 -1.24 5.48
N TRP A 103 -31.42 -0.39 4.59
CA TRP A 103 -30.04 -0.44 4.13
C TRP A 103 -29.24 0.72 4.68
N GLY A 104 -27.93 0.51 4.82
CA GLY A 104 -27.01 1.57 5.18
C GLY A 104 -26.69 2.48 4.00
N GLN A 105 -25.83 3.48 4.25
CA GLN A 105 -25.45 4.41 3.21
C GLN A 105 -24.46 3.80 2.24
N GLY A 106 -23.64 2.86 2.69
CA GLY A 106 -22.64 2.23 1.83
C GLY A 106 -21.30 2.95 1.81
N THR A 107 -20.21 2.20 1.83
CA THR A 107 -18.88 2.76 1.78
C THR A 107 -18.09 2.13 0.64
N SER A 108 -17.37 2.96 -0.11
CA SER A 108 -16.57 2.49 -1.23
C SER A 108 -15.21 1.99 -0.74
N VAL A 109 -14.87 0.76 -1.11
CA VAL A 109 -13.60 0.15 -0.75
C VAL A 109 -12.82 -0.12 -2.03
N THR A 110 -11.63 0.46 -2.13
CA THR A 110 -10.73 0.28 -3.26
C THR A 110 -9.57 -0.61 -2.82
N VAL A 111 -9.38 -1.72 -3.50
CA VAL A 111 -8.27 -2.64 -3.24
C VAL A 111 -7.22 -2.40 -4.32
N SER A 112 -6.09 -1.79 -3.94
CA SER A 112 -5.07 -1.46 -4.91
C SER A 112 -3.71 -1.37 -4.23
N SER A 113 -2.67 -1.70 -5.00
CA SER A 113 -1.28 -1.54 -4.57
C SER A 113 -0.72 -0.17 -4.89
N ALA A 114 -1.50 0.71 -5.53
CA ALA A 114 -1.00 1.99 -5.99
C ALA A 114 -0.75 2.93 -4.82
N SER A 115 0.12 3.91 -5.05
CA SER A 115 0.44 4.93 -4.08
C SER A 115 -0.11 6.27 -4.53
N THR A 116 -0.26 7.18 -3.56
CA THR A 116 -0.83 8.49 -3.85
C THR A 116 -0.02 9.21 -4.92
N LYS A 117 -0.71 9.76 -5.91
CA LYS A 117 -0.06 10.47 -7.01
C LYS A 117 -1.01 11.50 -7.58
N GLY A 118 -0.53 12.73 -7.72
CA GLY A 118 -1.30 13.78 -8.34
C GLY A 118 -1.39 13.59 -9.84
N PRO A 119 -2.39 14.19 -10.46
CA PRO A 119 -2.61 13.99 -11.90
C PRO A 119 -1.84 14.99 -12.76
N SER A 120 -1.62 14.57 -14.00
CA SER A 120 -1.19 15.48 -15.05
C SER A 120 -2.42 15.96 -15.81
N VAL A 121 -2.52 17.27 -16.04
CA VAL A 121 -3.65 17.86 -16.71
C VAL A 121 -3.17 18.34 -18.08
N PHE A 122 -3.63 17.67 -19.14
CA PHE A 122 -3.27 18.02 -20.50
C PHE A 122 -4.46 18.66 -21.22
N PRO A 123 -4.22 19.59 -22.14
CA PRO A 123 -5.34 20.22 -22.84
C PRO A 123 -5.87 19.36 -23.97
N LEU A 124 -7.18 19.47 -24.20
CA LEU A 124 -7.86 18.93 -25.36
C LEU A 124 -8.31 20.15 -26.14
N ALA A 125 -7.46 20.62 -27.05
CA ALA A 125 -7.60 21.91 -27.67
C ALA A 125 -8.63 21.85 -28.81
N PRO A 126 -9.43 22.89 -28.98
CA PRO A 126 -10.35 22.95 -30.12
C PRO A 126 -9.63 23.30 -31.40
N SER A 127 -10.02 22.64 -32.49
CA SER A 127 -9.47 22.92 -33.81
C SER A 127 -10.60 22.86 -34.84
N SER A 128 -10.23 23.00 -36.10
CA SER A 128 -11.20 22.88 -37.19
C SER A 128 -11.79 21.48 -37.27
N GLY A 133 -19.49 22.71 -37.42
CA GLY A 133 -20.30 23.87 -37.69
C GLY A 133 -20.00 25.05 -36.78
N GLY A 134 -21.03 25.56 -36.11
CA GLY A 134 -20.86 26.65 -35.18
C GLY A 134 -20.60 26.24 -33.74
N THR A 135 -20.45 24.96 -33.47
CA THR A 135 -20.21 24.44 -32.13
C THR A 135 -18.83 23.82 -32.10
N ALA A 136 -18.00 24.28 -31.15
CA ALA A 136 -16.68 23.70 -30.94
C ALA A 136 -16.65 22.97 -29.61
N ALA A 137 -15.76 21.99 -29.50
CA ALA A 137 -15.57 21.24 -28.27
C ALA A 137 -14.14 21.36 -27.80
N LEU A 138 -13.96 21.51 -26.50
CA LEU A 138 -12.63 21.55 -25.90
C LEU A 138 -12.70 20.89 -24.53
N GLY A 139 -11.54 20.73 -23.89
CA GLY A 139 -11.57 20.13 -22.57
C GLY A 139 -10.19 19.91 -21.97
N CYS A 140 -10.16 19.04 -20.97
CA CYS A 140 -8.96 18.70 -20.23
C CYS A 140 -8.93 17.21 -19.94
N LEU A 141 -7.76 16.61 -20.11
CA LEU A 141 -7.52 15.21 -19.78
C LEU A 141 -6.74 15.16 -18.48
N VAL A 142 -7.35 14.55 -17.45
CA VAL A 142 -6.77 14.45 -16.13
C VAL A 142 -6.29 13.00 -16.00
N LYS A 143 -4.99 12.79 -16.09
CA LYS A 143 -4.42 11.48 -16.32
C LYS A 143 -3.42 11.10 -15.23
N ASP A 144 -3.38 9.81 -14.90
CA ASP A 144 -2.35 9.22 -14.06
C ASP A 144 -2.39 9.76 -12.64
N TYR A 145 -3.51 9.59 -11.95
CA TYR A 145 -3.63 9.96 -10.55
C TYR A 145 -4.15 8.79 -9.74
N PHE A 146 -3.97 8.89 -8.41
CA PHE A 146 -4.46 7.89 -7.48
C PHE A 146 -4.49 8.51 -6.10
N PRO A 147 -5.52 8.26 -5.28
CA PRO A 147 -6.73 7.50 -5.59
C PRO A 147 -7.86 8.40 -6.06
N GLU A 148 -9.06 7.87 -6.23
CA GLU A 148 -10.21 8.70 -6.47
C GLU A 148 -10.51 9.54 -5.22
N PRO A 149 -11.15 10.71 -5.38
CA PRO A 149 -11.58 11.32 -6.63
C PRO A 149 -10.81 12.61 -6.97
N VAL A 150 -11.07 13.15 -8.16
CA VAL A 150 -10.68 14.52 -8.49
C VAL A 150 -11.96 15.30 -8.77
N THR A 151 -11.87 16.62 -8.66
CA THR A 151 -12.96 17.50 -9.03
C THR A 151 -12.49 18.42 -10.14
N VAL A 152 -13.37 18.70 -11.09
CA VAL A 152 -13.06 19.58 -12.22
C VAL A 152 -14.16 20.63 -12.32
N SER A 153 -13.74 21.89 -12.40
CA SER A 153 -14.63 23.00 -12.71
C SER A 153 -14.08 23.74 -13.93
N TRP A 154 -14.88 24.65 -14.46
CA TRP A 154 -14.48 25.43 -15.62
C TRP A 154 -14.66 26.92 -15.34
N ASN A 155 -13.61 27.70 -15.59
CA ASN A 155 -13.59 29.13 -15.33
C ASN A 155 -14.03 29.45 -13.91
N SER A 156 -13.48 28.67 -12.96
CA SER A 156 -13.75 28.83 -11.53
C SER A 156 -15.24 28.74 -11.21
N GLY A 157 -15.97 27.96 -12.00
CA GLY A 157 -17.40 27.76 -11.79
C GLY A 157 -18.30 28.61 -12.66
N ALA A 158 -17.74 29.58 -13.38
CA ALA A 158 -18.56 30.46 -14.20
C ALA A 158 -19.11 29.77 -15.45
N LEU A 159 -18.51 28.65 -15.86
CA LEU A 159 -18.93 27.90 -17.04
C LEU A 159 -19.41 26.53 -16.60
N THR A 160 -20.71 26.28 -16.73
CA THR A 160 -21.28 24.98 -16.36
C THR A 160 -22.09 24.40 -17.50
N SER A 161 -22.67 25.26 -18.34
CA SER A 161 -23.50 24.78 -19.44
C SER A 161 -22.66 24.09 -20.51
N GLY A 162 -23.08 22.89 -20.89
CA GLY A 162 -22.36 22.12 -21.89
C GLY A 162 -21.20 21.32 -21.35
N VAL A 163 -21.00 21.29 -20.03
CA VAL A 163 -19.88 20.59 -19.42
C VAL A 163 -20.26 19.13 -19.19
N HIS A 164 -19.40 18.22 -19.63
CA HIS A 164 -19.50 16.80 -19.33
C HIS A 164 -18.19 16.33 -18.74
N THR A 165 -18.21 15.98 -17.45
CA THR A 165 -17.05 15.38 -16.78
C THR A 165 -17.31 13.89 -16.67
N PHE A 166 -16.51 13.11 -17.40
CA PHE A 166 -16.79 11.68 -17.55
C PHE A 166 -16.29 10.90 -16.33
N PRO A 167 -16.91 9.76 -16.05
CA PRO A 167 -16.37 8.87 -15.02
C PRO A 167 -14.94 8.45 -15.35
N ALA A 168 -14.11 8.36 -14.32
CA ALA A 168 -12.74 7.94 -14.52
C ALA A 168 -12.68 6.46 -14.93
N VAL A 169 -11.67 6.12 -15.71
CA VAL A 169 -11.37 4.73 -16.03
C VAL A 169 -10.08 4.34 -15.32
N LEU A 170 -9.99 3.07 -14.95
CA LEU A 170 -8.79 2.54 -14.32
C LEU A 170 -7.89 1.98 -15.42
N GLN A 171 -6.71 2.56 -15.56
CA GLN A 171 -5.77 2.12 -16.57
C GLN A 171 -4.97 0.91 -16.09
N SER A 172 -4.29 0.26 -17.03
CA SER A 172 -3.48 -0.90 -16.70
C SER A 172 -2.32 -0.54 -15.78
N SER A 173 -1.94 0.74 -15.71
CA SER A 173 -0.92 1.18 -14.78
C SER A 173 -1.41 1.23 -13.33
N GLY A 174 -2.70 1.00 -13.11
CA GLY A 174 -3.28 1.16 -11.79
C GLY A 174 -3.67 2.58 -11.45
N LEU A 175 -3.42 3.53 -12.34
CA LEU A 175 -3.75 4.93 -12.13
C LEU A 175 -5.01 5.30 -12.90
N TYR A 176 -5.75 6.26 -12.38
CA TYR A 176 -7.01 6.67 -12.95
C TYR A 176 -6.80 7.75 -14.01
N SER A 177 -7.75 7.84 -14.93
CA SER A 177 -7.75 8.86 -15.97
C SER A 177 -9.18 9.21 -16.32
N LEU A 178 -9.44 10.50 -16.48
CA LEU A 178 -10.75 10.96 -16.92
C LEU A 178 -10.57 12.16 -17.84
N SER A 179 -11.66 12.55 -18.48
CA SER A 179 -11.69 13.74 -19.30
C SER A 179 -12.89 14.59 -18.92
N SER A 180 -12.73 15.90 -19.00
CA SER A 180 -13.81 16.85 -18.80
C SER A 180 -13.88 17.75 -20.02
N VAL A 181 -15.00 17.71 -20.73
CA VAL A 181 -15.14 18.43 -21.99
C VAL A 181 -16.28 19.43 -21.85
N VAL A 182 -16.33 20.36 -22.80
CA VAL A 182 -17.39 21.35 -22.87
C VAL A 182 -17.49 21.85 -24.31
N THR A 183 -18.72 22.05 -24.75
CA THR A 183 -19.02 22.61 -26.07
C THR A 183 -19.41 24.08 -25.93
N VAL A 184 -18.89 24.89 -26.85
CA VAL A 184 -19.08 26.35 -26.80
C VAL A 184 -19.34 26.86 -28.22
N PRO A 185 -19.81 28.09 -28.38
CA PRO A 185 -19.87 28.68 -29.73
C PRO A 185 -18.48 28.88 -30.30
N SER A 186 -18.35 28.62 -31.60
CA SER A 186 -17.05 28.76 -32.25
C SER A 186 -16.56 30.20 -32.21
N SER A 187 -17.47 31.16 -32.40
CA SER A 187 -17.10 32.58 -32.42
C SER A 187 -16.52 33.05 -31.09
N SER A 188 -16.69 32.28 -30.02
CA SER A 188 -16.15 32.65 -28.72
C SER A 188 -14.73 32.15 -28.50
N LEU A 189 -14.17 31.39 -29.44
CA LEU A 189 -12.83 30.84 -29.24
C LEU A 189 -11.76 31.90 -29.27
N GLY A 190 -12.03 33.06 -29.88
CA GLY A 190 -11.05 34.12 -29.97
C GLY A 190 -11.23 35.20 -28.92
N THR A 191 -12.37 35.17 -28.22
CA THR A 191 -12.70 36.21 -27.26
C THR A 191 -12.80 35.71 -25.82
N GLN A 192 -13.12 34.45 -25.60
CA GLN A 192 -13.32 33.90 -24.26
C GLN A 192 -12.18 32.97 -23.89
N THR A 193 -11.59 33.19 -22.73
CA THR A 193 -10.56 32.30 -22.21
C THR A 193 -11.20 31.12 -21.50
N TYR A 194 -10.61 29.93 -21.65
CA TYR A 194 -11.13 28.70 -21.07
C TYR A 194 -10.06 28.06 -20.20
N ILE A 195 -10.35 27.92 -18.91
CA ILE A 195 -9.44 27.34 -17.94
C ILE A 195 -10.18 26.26 -17.17
N CYS A 196 -9.60 25.07 -17.10
CA CYS A 196 -10.14 23.99 -16.28
C CYS A 196 -9.41 23.94 -14.95
N ASN A 197 -10.16 23.84 -13.87
CA ASN A 197 -9.63 23.82 -12.51
C ASN A 197 -9.77 22.42 -11.96
N VAL A 198 -8.64 21.72 -11.81
CA VAL A 198 -8.59 20.34 -11.34
C VAL A 198 -8.07 20.35 -9.91
N ASN A 199 -8.75 19.58 -9.05
CA ASN A 199 -8.38 19.47 -7.64
C ASN A 199 -8.29 18.00 -7.27
N HIS A 200 -7.16 17.60 -6.69
CA HIS A 200 -6.95 16.25 -6.20
C HIS A 200 -6.44 16.38 -4.76
N LYS A 201 -7.34 16.22 -3.80
CA LYS A 201 -6.97 16.42 -2.39
C LYS A 201 -5.98 15.39 -1.87
N PRO A 202 -6.12 14.09 -2.10
CA PRO A 202 -5.18 13.12 -1.52
C PRO A 202 -3.72 13.42 -1.78
N SER A 203 -3.40 14.07 -2.90
CA SER A 203 -2.05 14.50 -3.19
C SER A 203 -1.87 16.00 -2.98
N ASN A 204 -2.94 16.70 -2.58
CA ASN A 204 -2.92 18.16 -2.44
C ASN A 204 -2.38 18.84 -3.68
N THR A 205 -2.94 18.46 -4.83
CA THR A 205 -2.58 19.06 -6.11
C THR A 205 -3.74 19.88 -6.65
N LYS A 206 -3.44 21.08 -7.13
CA LYS A 206 -4.45 21.91 -7.75
C LYS A 206 -3.86 22.57 -8.99
N VAL A 207 -4.53 22.36 -10.13
CA VAL A 207 -4.06 22.80 -11.42
C VAL A 207 -5.10 23.67 -12.08
N ASP A 208 -4.66 24.79 -12.65
CA ASP A 208 -5.51 25.65 -13.46
C ASP A 208 -4.93 25.63 -14.87
N LYS A 209 -5.46 24.76 -15.72
CA LYS A 209 -4.91 24.53 -17.05
C LYS A 209 -5.70 25.33 -18.08
N ARG A 210 -5.00 26.16 -18.84
CA ARG A 210 -5.60 26.97 -19.90
C ARG A 210 -5.63 26.20 -21.21
N VAL A 211 -6.80 26.18 -21.86
CA VAL A 211 -7.00 25.46 -23.10
C VAL A 211 -7.12 26.48 -24.23
N GLU A 212 -6.12 26.50 -25.12
CA GLU A 212 -6.10 27.43 -26.23
C GLU A 212 -6.30 26.69 -27.55
N PRO A 213 -7.03 27.25 -28.49
CA PRO A 213 -7.29 26.54 -29.75
C PRO A 213 -6.02 26.34 -30.56
N LYS A 214 -6.09 25.37 -31.47
CA LYS A 214 -4.97 25.04 -32.34
C LYS A 214 -5.32 25.28 -33.81
N GLU B 1 47.61 14.85 31.70
CA GLU B 1 47.14 15.30 33.00
C GLU B 1 45.99 16.29 32.83
N VAL B 2 45.61 16.55 31.58
CA VAL B 2 44.50 17.45 31.29
C VAL B 2 43.19 16.73 31.60
N GLN B 3 42.35 17.35 32.41
CA GLN B 3 41.06 16.79 32.79
C GLN B 3 39.98 17.81 32.45
N LEU B 4 38.92 17.34 31.78
CA LEU B 4 37.78 18.17 31.44
C LEU B 4 36.53 17.56 32.06
N GLN B 5 35.67 18.43 32.60
CA GLN B 5 34.43 18.00 33.26
C GLN B 5 33.26 18.84 32.75
N GLU B 6 32.22 18.16 32.30
CA GLU B 6 30.99 18.84 31.89
C GLU B 6 30.04 18.96 33.07
N SER B 7 29.26 20.04 33.06
CA SER B 7 28.25 20.27 34.08
C SER B 7 27.13 21.11 33.47
N GLY B 8 25.94 20.98 34.06
CA GLY B 8 24.77 21.68 33.57
C GLY B 8 23.54 20.81 33.62
N PRO B 9 22.40 21.36 33.23
CA PRO B 9 21.15 20.61 33.30
C PRO B 9 21.10 19.51 32.25
N GLY B 10 20.51 18.38 32.63
CA GLY B 10 20.30 17.26 31.74
C GLY B 10 18.95 17.25 31.07
N LEU B 11 18.08 18.20 31.38
CA LEU B 11 16.74 18.28 30.82
C LEU B 11 16.47 19.72 30.40
N VAL B 12 16.19 19.93 29.11
CA VAL B 12 15.83 21.23 28.59
C VAL B 12 14.53 21.10 27.82
N LYS B 13 13.65 22.09 27.97
CA LYS B 13 12.38 22.08 27.26
C LYS B 13 12.58 22.60 25.83
N PRO B 14 11.77 22.13 24.89
CA PRO B 14 11.90 22.58 23.50
C PRO B 14 11.75 24.10 23.37
N SER B 15 12.49 24.65 22.40
CA SER B 15 12.57 26.07 22.08
C SER B 15 13.33 26.89 23.14
N GLN B 16 13.73 26.26 24.24
CA GLN B 16 14.53 26.96 25.23
C GLN B 16 16.01 26.81 24.90
N SER B 17 16.88 27.19 25.83
CA SER B 17 18.32 27.23 25.61
C SER B 17 19.02 26.19 26.47
N LEU B 18 20.01 25.52 25.88
CA LEU B 18 20.84 24.53 26.57
C LEU B 18 22.17 25.18 26.95
N SER B 19 22.47 25.18 28.24
CA SER B 19 23.67 25.80 28.80
C SER B 19 24.54 24.72 29.42
N LEU B 20 25.80 24.65 28.98
CA LEU B 20 26.74 23.67 29.51
C LEU B 20 28.07 24.34 29.86
N THR B 21 28.67 23.90 30.96
CA THR B 21 29.96 24.41 31.42
C THR B 21 30.99 23.28 31.37
N CYS B 22 32.19 23.59 30.91
CA CYS B 22 33.31 22.65 30.93
C CYS B 22 34.43 23.25 31.77
N SER B 23 34.76 22.58 32.86
CA SER B 23 35.84 22.95 33.76
C SER B 23 37.09 22.15 33.39
N VAL B 24 38.18 22.86 33.12
CA VAL B 24 39.45 22.26 32.72
C VAL B 24 40.44 22.40 33.87
N ILE B 25 41.14 21.31 34.19
CA ILE B 25 42.23 21.35 35.17
C ILE B 25 43.45 20.68 34.56
N GLY B 26 44.63 21.11 34.99
CA GLY B 26 45.88 20.55 34.54
C GLY B 26 46.51 21.23 33.35
N TYR B 27 45.83 22.21 32.74
CA TYR B 27 46.33 22.92 31.57
C TYR B 27 45.45 24.15 31.36
N SER B 28 46.06 25.24 30.93
CA SER B 28 45.31 26.47 30.74
C SER B 28 44.66 26.48 29.35
N ILE B 29 43.54 27.20 29.24
CA ILE B 29 42.83 27.26 27.97
C ILE B 29 43.32 28.44 27.13
N THR B 30 44.22 29.25 27.65
CA THR B 30 44.85 30.33 26.90
C THR B 30 46.24 29.96 26.42
N SER B 31 46.68 28.71 26.67
CA SER B 31 48.00 28.27 26.24
C SER B 31 47.99 27.84 24.78
N GLY B 32 47.06 26.96 24.42
CA GLY B 32 46.99 26.48 23.05
C GLY B 32 45.75 25.65 22.84
N TYR B 33 45.66 25.06 21.63
CA TYR B 33 44.61 24.14 21.23
C TYR B 33 43.26 24.81 21.05
N TYR B 34 42.44 24.27 20.14
CA TYR B 34 41.02 24.55 20.13
C TYR B 34 40.32 23.77 21.24
N TRP B 35 39.31 24.39 21.83
CA TRP B 35 38.51 23.78 22.88
C TRP B 35 37.11 23.59 22.31
N ASN B 36 36.71 22.32 22.14
CA ASN B 36 35.58 21.95 21.30
C ASN B 36 34.40 21.43 22.11
N TRP B 37 33.21 21.65 21.56
CA TRP B 37 31.99 20.95 21.94
C TRP B 37 31.59 20.03 20.80
N ILE B 38 31.44 18.74 21.12
CA ILE B 38 31.08 17.68 20.18
C ILE B 38 29.97 16.83 20.80
N ARG B 39 28.93 16.54 20.04
CA ARG B 39 27.81 15.78 20.58
C ARG B 39 27.61 14.48 19.81
N GLN B 40 26.99 13.51 20.49
CA GLN B 40 26.70 12.19 19.93
C GLN B 40 25.21 11.93 20.12
N PHE B 41 24.52 11.71 19.00
CA PHE B 41 23.07 11.51 19.00
C PHE B 41 22.71 10.07 19.34
N PRO B 42 21.44 9.81 19.66
CA PRO B 42 20.96 8.42 19.66
C PRO B 42 21.26 7.80 18.30
N GLY B 43 21.79 6.59 18.34
CA GLY B 43 22.29 5.95 17.14
C GLY B 43 23.79 6.12 16.96
N ASN B 44 24.45 6.79 17.91
CA ASN B 44 25.91 6.86 18.05
C ASN B 44 26.59 7.72 16.99
N LYS B 45 25.88 8.64 16.34
CA LYS B 45 26.51 9.51 15.36
C LYS B 45 27.15 10.72 16.06
N LEU B 46 28.42 10.95 15.76
CA LEU B 46 29.17 12.06 16.34
C LEU B 46 29.08 13.29 15.44
N GLU B 47 28.99 14.46 16.06
CA GLU B 47 28.85 15.73 15.34
C GLU B 47 29.65 16.80 16.07
N TRP B 48 30.62 17.40 15.38
CA TRP B 48 31.35 18.53 15.94
C TRP B 48 30.47 19.76 15.92
N MET B 49 30.24 20.34 17.10
CA MET B 49 29.37 21.52 17.21
C MET B 49 30.18 22.81 17.06
N GLY B 50 31.26 22.95 17.83
CA GLY B 50 31.99 24.18 17.71
C GLY B 50 33.27 24.19 18.51
N SER B 51 33.97 25.31 18.43
CA SER B 51 35.25 25.47 19.11
C SER B 51 35.46 26.93 19.48
N ILE B 52 36.11 27.11 20.63
CA ILE B 52 36.69 28.40 21.01
C ILE B 52 38.19 28.19 21.12
N ASN B 53 38.95 29.12 20.57
CA ASN B 53 40.39 28.96 20.48
C ASN B 53 41.07 29.45 21.76
N TYR B 54 42.38 29.19 21.85
CA TYR B 54 43.15 29.64 23.00
C TYR B 54 43.18 31.16 23.08
N ASP B 55 43.11 31.84 21.93
CA ASP B 55 43.14 33.30 21.89
C ASP B 55 41.77 33.93 22.00
N GLY B 56 40.71 33.13 22.08
CA GLY B 56 39.37 33.65 22.24
C GLY B 56 38.54 33.71 20.97
N SER B 57 39.07 33.27 19.84
CA SER B 57 38.29 33.24 18.61
C SER B 57 37.41 32.01 18.57
N ASN B 58 36.36 32.08 17.75
CA ASN B 58 35.36 31.03 17.64
C ASN B 58 35.30 30.47 16.22
N ILE B 59 34.93 29.20 16.13
CA ILE B 59 34.52 28.60 14.86
C ILE B 59 33.35 27.67 15.15
N TYR B 60 32.42 27.59 14.20
CA TYR B 60 31.18 26.85 14.40
C TYR B 60 30.87 25.98 13.19
N ASN B 61 30.16 24.88 13.46
CA ASN B 61 29.56 24.08 12.41
C ASN B 61 28.51 24.92 11.68
N PRO B 62 28.55 25.02 10.35
CA PRO B 62 27.49 25.77 9.64
C PRO B 62 26.09 25.26 9.92
N SER B 63 25.94 23.95 10.18
CA SER B 63 24.63 23.39 10.51
C SER B 63 24.06 23.98 11.79
N LEU B 64 24.89 24.64 12.61
CA LEU B 64 24.45 25.16 13.89
C LEU B 64 24.81 26.62 14.10
N LYS B 65 25.35 27.29 13.06
CA LYS B 65 25.87 28.64 13.22
C LYS B 65 24.80 29.64 13.63
N ASP B 66 23.53 29.34 13.35
CA ASP B 66 22.45 30.28 13.60
C ASP B 66 22.03 30.36 15.06
N ARG B 67 22.43 29.39 15.89
CA ARG B 67 21.94 29.37 17.26
C ARG B 67 22.98 28.89 18.29
N ILE B 68 24.28 28.92 17.97
CA ILE B 68 25.30 28.42 18.87
C ILE B 68 26.16 29.58 19.34
N SER B 69 26.63 29.48 20.59
CA SER B 69 27.53 30.47 21.17
C SER B 69 28.46 29.77 22.16
N ILE B 70 29.75 29.79 21.89
CA ILE B 70 30.74 29.19 22.79
C ILE B 70 31.58 30.32 23.38
N THR B 71 31.51 30.47 24.70
CA THR B 71 32.23 31.51 25.41
C THR B 71 33.20 30.89 26.40
N ARG B 72 33.89 31.74 27.17
CA ARG B 72 34.88 31.23 28.10
C ARG B 72 35.07 32.23 29.24
N ASP B 73 35.61 31.70 30.34
CA ASP B 73 36.02 32.50 31.50
C ASP B 73 37.38 31.96 31.93
N THR B 74 38.41 32.81 31.84
CA THR B 74 39.77 32.37 32.09
C THR B 74 40.16 32.44 33.55
N SER B 75 39.42 33.18 34.37
CA SER B 75 39.71 33.24 35.79
C SER B 75 39.45 31.88 36.45
N LYS B 76 38.41 31.18 36.00
CA LYS B 76 38.07 29.86 36.49
C LYS B 76 38.47 28.75 35.53
N ASN B 77 39.11 29.10 34.40
CA ASN B 77 39.57 28.14 33.41
C ASN B 77 38.44 27.24 32.93
N GLN B 78 37.38 27.88 32.44
CA GLN B 78 36.17 27.18 32.01
C GLN B 78 35.74 27.71 30.65
N PHE B 79 35.09 26.87 29.87
CA PHE B 79 34.43 27.35 28.66
C PHE B 79 33.04 26.76 28.53
N PHE B 80 32.13 27.54 27.95
CA PHE B 80 30.70 27.28 28.03
C PHE B 80 30.09 27.19 26.65
N LEU B 81 29.04 26.38 26.56
CA LEU B 81 28.24 26.17 25.36
C LEU B 81 26.83 26.68 25.60
N LYS B 82 26.31 27.41 24.62
CA LYS B 82 24.93 27.90 24.63
C LYS B 82 24.32 27.54 23.30
N LEU B 83 23.30 26.67 23.33
CA LEU B 83 22.59 26.26 22.12
C LEU B 83 21.13 26.65 22.25
N ASN B 84 20.69 27.57 21.40
CA ASN B 84 19.39 28.19 21.54
C ASN B 84 18.34 27.49 20.68
N SER B 85 17.08 27.62 21.10
CA SER B 85 15.92 27.08 20.38
C SER B 85 16.08 25.58 20.10
N VAL B 86 16.17 24.83 21.18
CA VAL B 86 16.43 23.39 21.06
C VAL B 86 15.14 22.66 20.71
N THR B 87 15.29 21.58 19.94
CA THR B 87 14.21 20.65 19.61
C THR B 87 14.60 19.26 20.10
N THR B 88 13.69 18.30 19.92
CA THR B 88 13.96 16.93 20.35
C THR B 88 15.14 16.32 19.61
N GLU B 89 15.46 16.85 18.43
CA GLU B 89 16.63 16.36 17.69
C GLU B 89 17.94 16.72 18.38
N ASP B 90 17.91 17.65 19.33
CA ASP B 90 19.10 18.02 20.09
C ASP B 90 19.35 17.11 21.29
N THR B 91 18.48 16.13 21.53
CA THR B 91 18.74 15.13 22.55
C THR B 91 20.01 14.37 22.19
N ALA B 92 21.02 14.45 23.06
CA ALA B 92 22.31 13.86 22.72
C ALA B 92 23.21 13.88 23.96
N THR B 93 24.32 13.16 23.85
CA THR B 93 25.39 13.22 24.85
C THR B 93 26.41 14.24 24.40
N TYR B 94 26.67 15.24 25.23
CA TYR B 94 27.54 16.35 24.89
C TYR B 94 28.88 16.20 25.59
N TYR B 95 29.96 16.35 24.82
CA TYR B 95 31.32 16.26 25.31
C TYR B 95 32.05 17.57 25.05
N CYS B 96 32.86 17.99 26.01
CA CYS B 96 33.86 19.01 25.76
C CYS B 96 35.21 18.33 25.62
N ALA B 97 36.07 18.91 24.80
CA ALA B 97 37.34 18.27 24.51
C ALA B 97 38.40 19.33 24.22
N ARG B 98 39.66 18.96 24.43
CA ARG B 98 40.80 19.75 24.00
C ARG B 98 41.32 19.14 22.71
N GLY B 99 41.20 19.87 21.60
CA GLY B 99 41.55 19.34 20.31
C GLY B 99 40.85 18.02 20.07
N GLY B 100 41.60 16.92 20.22
CA GLY B 100 41.02 15.59 20.14
C GLY B 100 41.67 14.60 21.08
N ASP B 101 42.63 15.07 21.89
CA ASP B 101 43.40 14.17 22.74
C ASP B 101 42.78 13.95 24.11
N TYR B 102 42.11 14.96 24.67
CA TYR B 102 41.50 14.84 25.99
C TYR B 102 40.02 15.21 25.90
N TRP B 103 39.16 14.25 26.23
CA TRP B 103 37.71 14.41 26.25
C TRP B 103 37.20 14.42 27.68
N GLY B 104 36.07 15.11 27.88
CA GLY B 104 35.36 15.00 29.15
C GLY B 104 34.58 13.70 29.22
N GLN B 105 33.88 13.52 30.34
CA GLN B 105 33.08 12.31 30.51
C GLN B 105 31.82 12.35 29.66
N GLY B 106 31.31 13.54 29.37
CA GLY B 106 30.10 13.68 28.61
C GLY B 106 28.87 13.70 29.48
N THR B 107 27.91 14.55 29.13
CA THR B 107 26.67 14.67 29.89
C THR B 107 25.48 14.45 28.96
N SER B 108 24.51 13.68 29.43
CA SER B 108 23.32 13.38 28.64
C SER B 108 22.31 14.51 28.76
N VAL B 109 21.89 15.05 27.62
CA VAL B 109 20.90 16.12 27.57
C VAL B 109 19.68 15.60 26.82
N THR B 110 18.53 15.62 27.49
CA THR B 110 17.26 15.21 26.93
C THR B 110 16.41 16.45 26.70
N VAL B 111 16.01 16.68 25.45
CA VAL B 111 15.12 17.78 25.10
C VAL B 111 13.73 17.19 24.91
N SER B 112 12.83 17.51 25.84
CA SER B 112 11.49 16.93 25.83
C SER B 112 10.53 17.88 26.52
N SER B 113 9.28 17.85 26.07
CA SER B 113 8.21 18.60 26.71
C SER B 113 7.58 17.83 27.86
N ALA B 114 7.98 16.59 28.08
CA ALA B 114 7.38 15.75 29.11
C ALA B 114 7.83 16.20 30.50
N SER B 115 7.02 15.88 31.49
CA SER B 115 7.30 16.18 32.89
C SER B 115 7.54 14.90 33.67
N THR B 116 8.13 15.06 34.85
CA THR B 116 8.48 13.92 35.70
C THR B 116 7.26 13.05 35.98
N LYS B 117 7.41 11.75 35.80
CA LYS B 117 6.32 10.80 36.02
C LYS B 117 6.90 9.45 36.40
N GLY B 118 6.38 8.87 37.48
CA GLY B 118 6.80 7.56 37.92
C GLY B 118 6.28 6.46 37.02
N PRO B 119 6.93 5.30 37.05
CA PRO B 119 6.55 4.22 36.16
C PRO B 119 5.47 3.30 36.74
N SER B 120 4.76 2.64 35.83
CA SER B 120 3.91 1.51 36.19
C SER B 120 4.71 0.21 35.99
N VAL B 121 4.66 -0.67 36.98
CA VAL B 121 5.40 -1.92 36.95
C VAL B 121 4.38 -3.06 36.83
N PHE B 122 4.37 -3.71 35.67
CA PHE B 122 3.48 -4.83 35.44
C PHE B 122 4.27 -6.13 35.38
N PRO B 123 3.69 -7.24 35.82
CA PRO B 123 4.41 -8.52 35.77
C PRO B 123 4.39 -9.13 34.38
N LEU B 124 5.48 -9.81 34.06
CA LEU B 124 5.59 -10.66 32.88
C LEU B 124 5.70 -12.08 33.43
N ALA B 125 4.55 -12.72 33.60
CA ALA B 125 4.43 -13.97 34.35
C ALA B 125 4.85 -15.16 33.49
N PRO B 126 5.49 -16.16 34.09
CA PRO B 126 5.83 -17.37 33.33
C PRO B 126 4.61 -18.25 33.12
N SER B 127 4.52 -18.81 31.90
CA SER B 127 3.45 -19.73 31.55
C SER B 127 4.05 -20.81 30.67
N SER B 128 3.18 -21.70 30.16
CA SER B 128 3.63 -22.69 29.19
C SER B 128 4.09 -22.02 27.90
N LYS B 129 3.64 -20.79 27.63
CA LYS B 129 4.06 -20.04 26.46
C LYS B 129 5.44 -19.41 26.65
N SER B 130 5.96 -19.36 27.88
CA SER B 130 7.31 -18.89 28.14
C SER B 130 8.14 -19.97 28.84
N THR B 131 7.84 -21.23 28.55
CA THR B 131 8.61 -22.36 29.06
C THR B 131 9.21 -23.11 27.88
N SER B 132 10.52 -23.31 27.91
CA SER B 132 11.25 -24.01 26.85
C SER B 132 12.08 -25.10 27.53
N GLY B 133 11.52 -26.29 27.64
CA GLY B 133 12.22 -27.37 28.30
C GLY B 133 12.23 -27.17 29.80
N GLY B 134 13.41 -27.18 30.39
CA GLY B 134 13.59 -26.96 31.80
C GLY B 134 13.83 -25.51 32.19
N THR B 135 13.74 -24.58 31.25
CA THR B 135 14.00 -23.17 31.49
C THR B 135 12.72 -22.36 31.29
N ALA B 136 12.35 -21.59 32.30
CA ALA B 136 11.24 -20.65 32.22
C ALA B 136 11.78 -19.23 32.25
N ALA B 137 11.02 -18.30 31.68
CA ALA B 137 11.39 -16.89 31.66
C ALA B 137 10.28 -16.07 32.33
N LEU B 138 10.68 -15.07 33.11
CA LEU B 138 9.73 -14.15 33.72
C LEU B 138 10.35 -12.77 33.75
N GLY B 139 9.58 -11.77 34.18
CA GLY B 139 10.15 -10.44 34.27
C GLY B 139 9.16 -9.38 34.71
N CYS B 140 9.53 -8.13 34.43
CA CYS B 140 8.75 -6.96 34.78
C CYS B 140 8.81 -5.94 33.66
N LEU B 141 7.66 -5.34 33.36
CA LEU B 141 7.54 -4.26 32.38
C LEU B 141 7.41 -2.94 33.12
N VAL B 142 8.38 -2.05 32.91
CA VAL B 142 8.44 -0.74 33.55
C VAL B 142 8.04 0.28 32.48
N LYS B 143 6.81 0.78 32.55
CA LYS B 143 6.22 1.52 31.45
C LYS B 143 5.80 2.92 31.88
N ASP B 144 5.91 3.87 30.94
CA ASP B 144 5.32 5.20 31.06
C ASP B 144 5.93 6.00 32.21
N TYR B 145 7.25 6.21 32.16
CA TYR B 145 7.95 7.05 33.11
C TYR B 145 8.78 8.08 32.37
N PHE B 146 9.18 9.12 33.11
CA PHE B 146 10.05 10.17 32.58
C PHE B 146 10.65 10.91 33.76
N PRO B 147 11.94 11.29 33.70
CA PRO B 147 12.91 10.97 32.65
C PRO B 147 13.71 9.71 32.97
N GLU B 148 14.71 9.41 32.17
CA GLU B 148 15.66 8.37 32.51
C GLU B 148 16.47 8.79 33.75
N PRO B 149 16.99 7.83 34.52
CA PRO B 149 16.85 6.38 34.36
C PRO B 149 16.02 5.73 35.46
N VAL B 150 15.73 4.44 35.31
CA VAL B 150 15.26 3.61 36.41
C VAL B 150 16.30 2.53 36.63
N THR B 151 16.29 1.96 37.83
CA THR B 151 17.14 0.83 38.17
C THR B 151 16.25 -0.35 38.54
N VAL B 152 16.69 -1.55 38.14
CA VAL B 152 15.94 -2.77 38.40
C VAL B 152 16.89 -3.79 39.03
N SER B 153 16.46 -4.36 40.14
CA SER B 153 17.13 -5.51 40.75
C SER B 153 16.12 -6.64 40.91
N TRP B 154 16.61 -7.82 41.26
CA TRP B 154 15.74 -8.98 41.45
C TRP B 154 16.03 -9.62 42.80
N ASN B 155 14.97 -9.85 43.57
CA ASN B 155 15.06 -10.42 44.92
C ASN B 155 16.07 -9.64 45.78
N SER B 156 15.99 -8.32 45.71
CA SER B 156 16.83 -7.42 46.49
C SER B 156 18.32 -7.65 46.24
N GLY B 157 18.66 -8.09 45.03
CA GLY B 157 20.03 -8.33 44.64
C GLY B 157 20.49 -9.76 44.74
N ALA B 158 19.70 -10.65 45.36
CA ALA B 158 20.11 -12.03 45.50
C ALA B 158 20.04 -12.81 44.19
N LEU B 159 19.31 -12.31 43.20
CA LEU B 159 19.18 -12.95 41.90
C LEU B 159 19.77 -12.04 40.85
N THR B 160 20.89 -12.47 40.26
CA THR B 160 21.58 -11.69 39.24
C THR B 160 21.81 -12.55 38.00
N SER B 161 21.94 -13.86 38.19
CA SER B 161 22.23 -14.75 37.09
C SER B 161 21.04 -14.88 36.16
N GLY B 162 21.28 -14.70 34.86
CA GLY B 162 20.22 -14.79 33.87
C GLY B 162 19.38 -13.55 33.70
N VAL B 163 19.74 -12.45 34.37
CA VAL B 163 18.97 -11.21 34.30
C VAL B 163 19.41 -10.41 33.09
N HIS B 164 18.43 -9.95 32.31
CA HIS B 164 18.65 -9.03 31.20
C HIS B 164 17.70 -7.85 31.41
N THR B 165 18.25 -6.69 31.74
CA THR B 165 17.48 -5.45 31.82
C THR B 165 17.74 -4.66 30.56
N PHE B 166 16.72 -4.54 29.71
CA PHE B 166 16.92 -4.00 28.38
C PHE B 166 16.97 -2.48 28.40
N PRO B 167 17.68 -1.88 27.44
CA PRO B 167 17.63 -0.42 27.29
C PRO B 167 16.20 0.05 27.05
N ALA B 168 15.86 1.20 27.65
CA ALA B 168 14.54 1.76 27.47
C ALA B 168 14.35 2.27 26.05
N VAL B 169 13.11 2.21 25.58
CA VAL B 169 12.72 2.81 24.32
C VAL B 169 11.83 4.01 24.61
N LEU B 170 11.91 5.02 23.74
CA LEU B 170 11.07 6.20 23.86
C LEU B 170 9.80 5.99 23.04
N GLN B 171 8.65 6.03 23.71
CA GLN B 171 7.38 5.84 23.03
C GLN B 171 6.92 7.15 22.40
N SER B 172 5.92 7.04 21.53
CA SER B 172 5.38 8.22 20.87
C SER B 172 4.72 9.18 21.86
N SER B 173 4.38 8.70 23.06
CA SER B 173 3.84 9.56 24.11
C SER B 173 4.90 10.42 24.78
N GLY B 174 6.18 10.23 24.44
CA GLY B 174 7.26 10.91 25.13
C GLY B 174 7.68 10.27 26.44
N LEU B 175 7.06 9.16 26.83
CA LEU B 175 7.41 8.45 28.04
C LEU B 175 8.24 7.21 27.71
N TYR B 176 9.12 6.83 28.64
CA TYR B 176 10.01 5.70 28.42
C TYR B 176 9.37 4.39 28.87
N SER B 177 9.85 3.29 28.29
CA SER B 177 9.41 1.96 28.66
C SER B 177 10.56 0.98 28.47
N LEU B 178 10.71 0.07 29.44
CA LEU B 178 11.72 -0.97 29.36
C LEU B 178 11.17 -2.25 29.97
N SER B 179 11.90 -3.34 29.77
CA SER B 179 11.59 -4.63 30.36
C SER B 179 12.83 -5.20 31.01
N SER B 180 12.63 -5.91 32.13
CA SER B 180 13.71 -6.64 32.80
C SER B 180 13.26 -8.08 32.94
N VAL B 181 14.00 -9.00 32.33
CA VAL B 181 13.62 -10.40 32.28
C VAL B 181 14.72 -11.23 32.95
N VAL B 182 14.37 -12.48 33.25
CA VAL B 182 15.32 -13.43 33.81
C VAL B 182 14.82 -14.84 33.51
N THR B 183 15.76 -15.72 33.19
CA THR B 183 15.49 -17.12 32.98
C THR B 183 15.91 -17.92 34.22
N VAL B 184 15.06 -18.86 34.60
CA VAL B 184 15.23 -19.64 35.82
C VAL B 184 14.86 -21.09 35.50
N PRO B 185 15.17 -22.06 36.36
CA PRO B 185 14.61 -23.40 36.17
C PRO B 185 13.11 -23.40 36.33
N SER B 186 12.43 -24.15 35.47
CA SER B 186 10.97 -24.24 35.55
C SER B 186 10.52 -24.88 36.85
N SER B 187 11.29 -25.86 37.34
CA SER B 187 10.94 -26.54 38.59
C SER B 187 10.98 -25.64 39.81
N SER B 188 11.57 -24.45 39.70
CA SER B 188 11.64 -23.51 40.81
C SER B 188 10.46 -22.56 40.86
N LEU B 189 9.53 -22.65 39.91
CA LEU B 189 8.42 -21.69 39.85
C LEU B 189 7.43 -21.83 41.00
N GLY B 190 7.37 -22.99 41.64
CA GLY B 190 6.42 -23.19 42.72
C GLY B 190 7.03 -23.02 44.10
N THR B 191 8.35 -22.96 44.16
CA THR B 191 9.07 -22.89 45.43
C THR B 191 9.85 -21.61 45.64
N GLN B 192 10.25 -20.91 44.57
CA GLN B 192 11.09 -19.72 44.67
C GLN B 192 10.25 -18.48 44.38
N THR B 193 10.34 -17.48 45.25
CA THR B 193 9.67 -16.21 45.03
C THR B 193 10.53 -15.31 44.16
N TYR B 194 9.88 -14.60 43.23
CA TYR B 194 10.57 -13.70 42.32
C TYR B 194 9.94 -12.32 42.44
N ILE B 195 10.74 -11.34 42.87
CA ILE B 195 10.29 -9.96 43.05
C ILE B 195 11.27 -9.05 42.34
N CYS B 196 10.75 -8.15 41.50
CA CYS B 196 11.57 -7.15 40.85
C CYS B 196 11.45 -5.84 41.62
N ASN B 197 12.60 -5.22 41.89
CA ASN B 197 12.70 -3.99 42.66
C ASN B 197 13.06 -2.88 41.68
N VAL B 198 12.10 -2.00 41.39
CA VAL B 198 12.25 -0.91 40.45
C VAL B 198 12.38 0.38 41.24
N ASN B 199 13.36 1.21 40.88
CA ASN B 199 13.59 2.48 41.54
C ASN B 199 13.68 3.58 40.49
N HIS B 200 12.89 4.63 40.67
CA HIS B 200 12.89 5.82 39.80
C HIS B 200 13.01 7.03 40.71
N LYS B 201 14.23 7.56 40.84
CA LYS B 201 14.55 8.66 41.75
C LYS B 201 13.91 9.99 41.37
N PRO B 202 13.91 10.41 40.09
CA PRO B 202 13.31 11.72 39.77
C PRO B 202 11.88 11.88 40.28
N SER B 203 11.12 10.80 40.39
CA SER B 203 9.78 10.84 40.97
C SER B 203 9.71 10.27 42.38
N ASN B 204 10.84 9.81 42.93
CA ASN B 204 10.88 9.13 44.22
C ASN B 204 9.86 7.99 44.27
N THR B 205 9.93 7.13 43.26
CA THR B 205 9.07 5.97 43.16
C THR B 205 9.91 4.71 43.37
N LYS B 206 9.39 3.80 44.20
CA LYS B 206 10.03 2.51 44.36
C LYS B 206 8.95 1.44 44.42
N VAL B 207 9.05 0.44 43.56
CA VAL B 207 8.05 -0.61 43.47
C VAL B 207 8.73 -1.95 43.67
N ASP B 208 8.12 -2.81 44.48
CA ASP B 208 8.58 -4.19 44.65
C ASP B 208 7.45 -5.08 44.13
N LYS B 209 7.57 -5.49 42.86
CA LYS B 209 6.49 -6.22 42.20
C LYS B 209 6.79 -7.72 42.22
N ARG B 210 5.85 -8.49 42.75
CA ARG B 210 5.99 -9.93 42.81
C ARG B 210 5.45 -10.54 41.53
N VAL B 211 6.23 -11.44 40.92
CA VAL B 211 5.88 -12.06 39.65
C VAL B 211 5.49 -13.50 39.95
N GLU B 212 4.21 -13.81 39.75
CA GLU B 212 3.68 -15.14 40.05
C GLU B 212 3.28 -15.87 38.77
N PRO B 213 3.54 -17.18 38.71
CA PRO B 213 3.21 -17.94 37.50
C PRO B 213 1.70 -18.00 37.26
N LYS B 214 1.34 -18.38 36.04
CA LYS B 214 -0.05 -18.50 35.64
C LYS B 214 -0.38 -19.95 35.34
N SER B 215 -1.69 -20.24 35.32
CA SER B 215 -2.19 -21.58 35.04
C SER B 215 -2.22 -21.91 33.55
N CYS B 216 -1.82 -20.97 32.69
CA CYS B 216 -1.81 -21.16 31.25
C CYS B 216 -3.20 -21.48 30.71
N UNK C 1 -27.24 -11.62 -50.26
CA UNK C 1 -28.48 -12.15 -50.80
C UNK C 1 -29.66 -11.23 -50.49
N VAL C 2 -29.63 -10.65 -49.29
CA VAL C 2 -30.72 -9.80 -48.78
C VAL C 2 -31.14 -8.71 -49.77
N GLN C 3 -32.45 -8.46 -49.83
CA GLN C 3 -32.99 -7.41 -50.67
C GLN C 3 -34.17 -6.76 -49.97
N LEU C 4 -34.28 -5.44 -50.08
CA LEU C 4 -35.41 -4.72 -49.51
C LEU C 4 -36.17 -3.96 -50.58
N UNK C 5 -37.49 -4.13 -50.59
CA UNK C 5 -38.34 -3.44 -51.54
C UNK C 5 -39.38 -2.60 -50.81
N UNK C 6 -39.33 -1.28 -51.01
CA UNK C 6 -40.27 -0.38 -50.38
C UNK C 6 -41.44 -0.10 -51.33
N SER C 7 -42.61 0.17 -50.75
CA SER C 7 -43.80 0.48 -51.53
C SER C 7 -44.78 1.30 -50.70
N GLY C 8 -45.78 1.88 -51.38
CA GLY C 8 -46.83 2.64 -50.72
C GLY C 8 -46.74 4.13 -50.90
N GLY C 9 -45.68 4.64 -51.51
CA GLY C 9 -45.54 6.07 -51.71
C GLY C 9 -46.49 6.59 -52.79
N GLY C 10 -46.54 7.92 -52.88
CA GLY C 10 -47.37 8.57 -53.88
C GLY C 10 -47.72 10.01 -53.56
N UNK C 11 -48.60 10.59 -54.36
CA UNK C 11 -49.01 11.97 -54.19
C UNK C 11 -50.18 12.09 -53.22
N VAL C 12 -49.98 12.85 -52.15
CA VAL C 12 -50.98 13.00 -51.10
C VAL C 12 -51.18 14.49 -50.80
N GLN C 13 -52.37 14.83 -50.28
CA GLN C 13 -52.66 16.20 -49.87
C GLN C 13 -52.10 16.49 -48.48
N UNK C 14 -51.87 17.77 -48.19
CA UNK C 14 -51.34 18.18 -46.89
C UNK C 14 -52.36 17.92 -45.79
N GLY C 15 -51.95 17.12 -44.81
CA GLY C 15 -52.80 16.82 -43.67
C GLY C 15 -53.41 15.43 -43.71
N UNK C 16 -53.01 14.63 -44.70
CA UNK C 16 -53.57 13.30 -44.86
C UNK C 16 -52.61 12.23 -44.33
N SER C 17 -52.84 10.98 -44.73
CA SER C 17 -52.07 9.86 -44.19
C SER C 17 -51.47 8.97 -45.28
N LEU C 18 -50.59 8.07 -44.85
CA LEU C 18 -49.96 7.08 -45.71
C LEU C 18 -49.51 5.87 -44.90
N UNK C 19 -49.44 4.71 -45.54
CA UNK C 19 -48.93 3.52 -44.88
C UNK C 19 -47.86 2.88 -45.75
N LEU C 20 -46.63 3.37 -45.64
CA LEU C 20 -45.53 2.81 -46.40
C LEU C 20 -45.16 1.45 -45.84
N SER C 21 -44.74 0.54 -46.72
CA SER C 21 -44.32 -0.79 -46.32
C SER C 21 -42.97 -1.10 -46.94
N CYS C 22 -42.24 -2.02 -46.30
CA CYS C 22 -41.00 -2.53 -46.86
C CYS C 22 -40.94 -4.04 -46.65
N UNK C 23 -40.80 -4.76 -47.75
CA UNK C 23 -40.68 -6.20 -47.72
C UNK C 23 -39.22 -6.63 -47.83
N ALA C 24 -38.86 -7.62 -47.02
CA ALA C 24 -37.50 -8.16 -47.01
C ALA C 24 -37.47 -9.52 -47.69
N UNK C 25 -36.42 -9.77 -48.46
CA UNK C 25 -36.27 -11.03 -49.17
C UNK C 25 -34.86 -11.59 -49.02
N UNK C 26 -34.78 -12.92 -49.10
CA UNK C 26 -33.54 -13.70 -49.01
C UNK C 26 -32.99 -13.82 -47.59
N UNK C 27 -33.66 -13.18 -46.63
CA UNK C 27 -33.27 -13.29 -45.23
C UNK C 27 -34.39 -12.87 -44.29
N UNK C 28 -34.43 -13.47 -43.11
CA UNK C 28 -35.41 -13.11 -42.09
C UNK C 28 -35.02 -11.80 -41.42
N UNK C 29 -36.02 -11.00 -41.06
CA UNK C 29 -35.77 -9.69 -40.45
C UNK C 29 -36.23 -9.66 -39.00
N UNK C 30 -36.35 -10.84 -38.38
CA UNK C 30 -36.91 -10.95 -37.04
C UNK C 30 -35.87 -10.64 -35.95
N UNK C 31 -34.60 -10.83 -36.25
CA UNK C 31 -33.54 -10.66 -35.26
C UNK C 31 -32.79 -9.35 -35.42
N UNK C 32 -33.33 -8.43 -36.21
CA UNK C 32 -32.63 -7.18 -36.51
C UNK C 32 -33.59 -6.00 -36.54
N UNK C 33 -33.08 -4.83 -36.17
CA UNK C 33 -33.85 -3.60 -36.23
C UNK C 33 -33.99 -3.13 -37.68
N UNK C 34 -35.14 -2.57 -38.00
CA UNK C 34 -35.39 -2.00 -39.31
C UNK C 34 -35.59 -0.49 -39.18
N UNK C 35 -34.89 0.28 -40.00
CA UNK C 35 -34.91 1.73 -39.85
C UNK C 35 -35.31 2.46 -41.13
N TRP C 36 -36.24 3.40 -40.98
CA TRP C 36 -36.64 4.27 -42.08
C TRP C 36 -35.86 5.58 -42.03
N UNK C 37 -35.30 5.94 -43.18
CA UNK C 37 -34.64 7.24 -43.37
C UNK C 37 -35.27 7.90 -44.59
N ARG C 38 -34.98 9.18 -44.81
CA ARG C 38 -35.55 9.86 -45.98
C ARG C 38 -34.57 10.88 -46.56
N GLN C 39 -34.70 11.14 -47.86
CA GLN C 39 -33.78 12.04 -48.55
C GLN C 39 -34.49 12.95 -49.53
N UNK C 40 -34.19 14.25 -49.46
CA UNK C 40 -34.66 15.22 -50.43
C UNK C 40 -33.57 15.30 -51.52
N PRO C 41 -33.96 15.58 -52.77
CA PRO C 41 -33.06 15.62 -53.93
C PRO C 41 -31.67 16.20 -53.67
N GLY C 42 -31.62 17.42 -53.14
CA GLY C 42 -30.34 18.08 -52.89
C GLY C 42 -29.79 17.95 -51.48
N UNK C 43 -30.35 17.03 -50.71
CA UNK C 43 -29.91 16.84 -49.33
C UNK C 43 -29.41 15.42 -49.05
N UNK C 44 -29.04 15.18 -47.80
CA UNK C 44 -28.54 13.87 -47.38
C UNK C 44 -29.64 13.07 -46.70
N ARG C 45 -29.40 11.78 -46.50
CA ARG C 45 -30.39 10.90 -45.87
C ARG C 45 -30.46 11.14 -44.37
N GLU C 46 -31.62 11.60 -43.90
CA GLU C 46 -31.83 11.84 -42.48
C GLU C 46 -32.63 10.69 -41.89
N UNK C 47 -32.33 10.34 -40.64
CA UNK C 47 -33.06 9.29 -39.95
C UNK C 47 -34.50 9.71 -39.71
N VAL C 48 -35.43 8.77 -39.90
CA VAL C 48 -36.84 9.03 -39.66
C VAL C 48 -37.30 8.27 -38.43
N UNK C 49 -37.10 6.95 -38.44
CA UNK C 49 -37.58 6.12 -37.36
C UNK C 49 -36.87 4.77 -37.32
N UNK C 50 -37.02 4.06 -36.21
CA UNK C 50 -36.41 2.74 -36.06
C UNK C 50 -37.31 1.82 -35.23
N UNK C 51 -37.49 0.60 -35.72
CA UNK C 51 -38.17 -0.43 -34.96
C UNK C 51 -37.18 -1.55 -34.66
N UNK C 52 -36.85 -1.71 -33.38
CA UNK C 52 -35.96 -2.79 -32.97
C UNK C 52 -36.69 -4.12 -32.99
N UNK C 53 -36.07 -5.15 -32.43
CA UNK C 53 -36.73 -6.45 -32.32
C UNK C 53 -37.97 -6.33 -31.46
N UNK C 54 -38.88 -7.29 -31.57
CA UNK C 54 -40.12 -7.26 -30.81
C UNK C 54 -39.83 -7.14 -29.31
N UNK C 55 -40.58 -6.28 -28.64
CA UNK C 55 -40.42 -5.97 -27.21
C UNK C 55 -39.15 -5.17 -26.92
N UNK C 56 -38.58 -4.54 -27.95
CA UNK C 56 -37.43 -3.66 -27.77
C UNK C 56 -37.80 -2.25 -28.23
N UNK C 57 -39.08 -2.07 -28.53
CA UNK C 57 -39.69 -0.77 -28.79
C UNK C 57 -39.19 -0.07 -30.05
N UNK C 58 -39.69 1.14 -30.26
CA UNK C 58 -39.37 1.93 -31.44
C UNK C 58 -38.89 3.31 -31.01
N UNK C 59 -38.17 3.98 -31.92
CA UNK C 59 -37.63 5.31 -31.64
C UNK C 59 -37.81 6.20 -32.88
N UNK C 60 -37.88 7.51 -32.68
CA UNK C 60 -38.22 8.42 -33.76
C UNK C 60 -37.39 9.70 -33.75
N UNK C 61 -37.27 10.31 -34.92
CA UNK C 61 -36.62 11.61 -35.05
C UNK C 61 -37.56 12.70 -34.56
N ASP C 62 -37.02 13.87 -34.24
CA ASP C 62 -37.81 14.95 -33.65
C ASP C 62 -38.82 15.53 -34.64
N SER C 63 -38.48 15.48 -35.93
CA SER C 63 -39.31 16.10 -36.96
C SER C 63 -40.55 15.28 -37.28
N UNK C 64 -40.63 14.05 -36.79
CA UNK C 64 -41.74 13.18 -37.12
C UNK C 64 -42.39 12.57 -35.88
N UNK C 65 -41.90 12.95 -34.70
CA UNK C 65 -42.42 12.43 -33.45
C UNK C 65 -43.89 12.80 -33.31
N GLY C 66 -44.70 11.86 -32.84
CA GLY C 66 -46.12 12.10 -32.65
C GLY C 66 -46.96 11.97 -33.91
N ARG C 67 -46.32 12.14 -35.06
CA ARG C 67 -46.99 12.02 -36.34
C ARG C 67 -46.75 10.70 -37.05
N PHE C 68 -45.58 10.10 -36.90
CA PHE C 68 -45.23 8.84 -37.56
C PHE C 68 -45.19 7.70 -36.56
N THR C 69 -45.44 6.50 -37.06
CA THR C 69 -45.40 5.27 -36.25
C THR C 69 -44.76 4.12 -37.01
N UNK C 70 -43.76 3.48 -36.42
CA UNK C 70 -43.11 2.33 -37.05
C UNK C 70 -43.59 1.03 -36.41
N SER C 71 -43.75 -0.01 -37.24
CA SER C 71 -44.18 -1.31 -36.74
C SER C 71 -43.59 -2.46 -37.57
N UNK C 72 -43.68 -3.67 -37.05
CA UNK C 72 -43.09 -4.83 -37.72
C UNK C 72 -44.01 -6.04 -37.76
N ASP C 73 -43.89 -6.82 -38.83
CA ASP C 73 -44.58 -8.09 -38.96
C ASP C 73 -43.53 -9.14 -39.28
N UNK C 74 -43.05 -9.82 -38.24
CA UNK C 74 -41.97 -10.79 -38.36
C UNK C 74 -42.41 -12.01 -39.17
N UNK C 75 -43.70 -12.28 -39.16
CA UNK C 75 -44.25 -13.40 -39.90
C UNK C 75 -44.13 -13.15 -41.41
N UNK C 76 -44.61 -11.98 -41.84
CA UNK C 76 -44.55 -11.60 -43.24
C UNK C 76 -43.20 -10.98 -43.59
N UNK C 77 -42.27 -11.00 -42.63
CA UNK C 77 -40.94 -10.43 -42.79
C UNK C 77 -40.99 -9.02 -43.37
N UNK C 78 -41.84 -8.18 -42.79
CA UNK C 78 -42.04 -6.83 -43.33
C UNK C 78 -42.03 -5.76 -42.26
N UNK C 79 -41.76 -4.53 -42.68
CA UNK C 79 -41.80 -3.38 -41.80
C UNK C 79 -42.79 -2.35 -42.34
N UNK C 80 -43.35 -1.53 -41.47
CA UNK C 80 -44.35 -0.56 -41.88
C UNK C 80 -44.16 0.80 -41.22
N LEU C 81 -44.29 1.86 -42.01
CA LEU C 81 -44.24 3.22 -41.52
C LEU C 81 -45.56 3.94 -41.79
N GLN C 82 -46.31 4.21 -40.73
CA GLN C 82 -47.55 4.95 -40.81
C GLN C 82 -47.25 6.43 -40.65
N UNK C 83 -47.71 7.24 -41.61
CA UNK C 83 -47.46 8.67 -41.60
C UNK C 83 -48.77 9.45 -41.56
N UNK C 84 -49.02 10.10 -40.42
CA UNK C 84 -50.24 10.89 -40.24
C UNK C 84 -49.90 12.37 -40.15
N UNK C 85 -50.89 13.22 -40.42
CA UNK C 85 -50.73 14.67 -40.42
C UNK C 85 -49.57 15.09 -41.32
N LEU C 86 -49.52 14.51 -42.51
CA LEU C 86 -48.46 14.78 -43.47
C LEU C 86 -48.38 16.26 -43.85
N UNK C 87 -47.17 16.81 -43.75
CA UNK C 87 -46.92 18.17 -44.21
C UNK C 87 -46.08 18.12 -45.48
N UNK C 88 -46.02 19.24 -46.21
CA UNK C 88 -45.26 19.30 -47.46
C UNK C 88 -43.78 19.09 -47.20
N UNK C 89 -43.34 19.35 -45.98
CA UNK C 89 -41.95 19.20 -45.60
C UNK C 89 -41.52 17.73 -45.54
N ASP C 90 -42.49 16.83 -45.68
CA ASP C 90 -42.21 15.40 -45.63
C ASP C 90 -41.99 14.81 -47.01
N UNK C 91 -41.96 15.67 -48.03
CA UNK C 91 -41.76 15.24 -49.41
C UNK C 91 -40.32 14.81 -49.65
N ALA C 92 -40.12 13.51 -49.82
CA ALA C 92 -38.79 12.95 -50.03
C ALA C 92 -38.85 11.51 -50.53
N UNK C 93 -37.70 10.94 -50.84
CA UNK C 93 -37.61 9.51 -51.11
C UNK C 93 -37.33 8.80 -49.78
N TYR C 94 -38.24 7.91 -49.39
CA TYR C 94 -38.11 7.18 -48.14
C TYR C 94 -37.44 5.83 -48.36
N TYR C 95 -36.32 5.63 -47.69
CA TYR C 95 -35.54 4.40 -47.77
C TYR C 95 -35.69 3.60 -46.48
N CYS C 96 -35.61 2.29 -46.62
CA CYS C 96 -35.58 1.41 -45.46
C CYS C 96 -34.26 0.66 -45.44
N UNK C 97 -33.72 0.46 -44.24
CA UNK C 97 -32.42 -0.19 -44.10
C UNK C 97 -32.44 -1.18 -42.94
N UNK C 98 -31.58 -2.18 -43.03
CA UNK C 98 -31.45 -3.16 -41.96
C UNK C 98 -30.22 -2.90 -41.13
N UNK C 99 -30.39 -2.82 -39.81
CA UNK C 99 -29.26 -2.73 -38.90
C UNK C 99 -28.68 -4.13 -38.68
N UNK C 100 -27.49 -4.37 -39.21
CA UNK C 100 -26.88 -5.70 -39.16
C UNK C 100 -26.39 -6.06 -37.77
N UNK C 101 -26.08 -5.04 -36.96
CA UNK C 101 -25.63 -5.28 -35.59
C UNK C 101 -26.81 -5.59 -34.68
N UNK C 102 -26.79 -6.79 -34.10
CA UNK C 102 -27.86 -7.22 -33.20
C UNK C 102 -27.90 -6.38 -31.93
N UNK C 103 -26.81 -5.67 -31.65
CA UNK C 103 -26.71 -4.80 -30.48
C UNK C 103 -27.16 -3.38 -30.81
N UNK C 104 -27.79 -3.22 -31.97
CA UNK C 104 -28.44 -1.97 -32.36
C UNK C 104 -27.49 -0.78 -32.46
N UNK C 105 -26.27 -1.02 -32.92
CA UNK C 105 -25.32 0.06 -33.15
C UNK C 105 -25.54 0.68 -34.52
N UNK C 106 -26.40 0.02 -35.30
CA UNK C 106 -26.77 0.41 -36.66
C UNK C 106 -25.67 0.23 -37.69
N UNK C 107 -25.32 -1.02 -37.95
CA UNK C 107 -24.51 -1.34 -39.11
C UNK C 107 -25.47 -1.40 -40.29
N UNK C 108 -25.75 -0.24 -40.88
CA UNK C 108 -26.65 -0.17 -42.02
C UNK C 108 -25.94 -0.61 -43.30
N UNK C 109 -25.96 -1.91 -43.56
CA UNK C 109 -25.26 -2.46 -44.71
C UNK C 109 -26.22 -2.68 -45.89
N UNK C 110 -27.46 -3.04 -45.58
CA UNK C 110 -28.45 -3.30 -46.61
C UNK C 110 -29.55 -2.23 -46.63
N TRP C 111 -29.74 -1.64 -47.81
CA TRP C 111 -30.72 -0.59 -48.03
C TRP C 111 -31.72 -0.99 -49.12
N GLY C 112 -32.89 -0.37 -49.10
CA GLY C 112 -33.90 -0.60 -50.12
C GLY C 112 -33.75 0.35 -51.30
N UNK C 113 -34.72 0.32 -52.21
CA UNK C 113 -34.68 1.19 -53.38
C UNK C 113 -35.33 2.53 -53.05
N GLY C 114 -36.24 2.53 -52.09
CA GLY C 114 -36.91 3.74 -51.65
C GLY C 114 -38.17 4.05 -52.43
N THR C 115 -39.09 4.79 -51.81
CA THR C 115 -40.31 5.21 -52.50
C THR C 115 -40.55 6.70 -52.35
N UNK C 116 -41.02 7.33 -53.41
CA UNK C 116 -41.20 8.78 -53.41
C UNK C 116 -42.52 9.17 -52.76
N VAL C 117 -42.44 10.00 -51.72
CA VAL C 117 -43.62 10.56 -51.07
C VAL C 117 -43.64 12.06 -51.29
N THR C 118 -44.66 12.55 -51.98
CA THR C 118 -44.82 13.96 -52.26
C THR C 118 -46.14 14.43 -51.65
N VAL C 119 -46.07 15.51 -50.87
CA VAL C 119 -47.22 16.03 -50.14
C VAL C 119 -47.53 17.41 -50.70
N SER C 120 -48.62 17.53 -51.43
CA SER C 120 -49.03 18.81 -52.00
C SER C 120 -50.54 18.84 -52.23
N ASP D 1 31.86 18.83 4.61
CA ASP D 1 31.65 18.65 3.17
C ASP D 1 32.24 17.32 2.71
N ILE D 2 33.23 16.83 3.44
CA ILE D 2 33.87 15.56 3.13
C ILE D 2 33.14 14.44 3.88
N VAL D 3 32.61 13.48 3.14
CA VAL D 3 31.91 12.34 3.72
C VAL D 3 32.92 11.21 3.93
N LEU D 4 32.92 10.64 5.13
CA LEU D 4 33.74 9.49 5.44
C LEU D 4 32.86 8.26 5.59
N THR D 5 33.17 7.21 4.84
CA THR D 5 32.42 5.96 4.84
C THR D 5 33.29 4.86 5.41
N GLN D 6 32.81 4.20 6.45
CA GLN D 6 33.57 3.16 7.12
C GLN D 6 33.04 1.79 6.73
N THR D 7 33.96 0.85 6.48
CA THR D 7 33.62 -0.50 6.06
C THR D 7 34.45 -1.51 6.83
N PRO D 8 33.83 -2.59 7.31
CA PRO D 8 32.39 -2.87 7.28
C PRO D 8 31.66 -2.09 8.36
N ALA D 9 30.32 -2.13 8.39
CA ALA D 9 29.61 -1.49 9.50
C ALA D 9 29.83 -2.26 10.80
N ILE D 10 29.84 -3.59 10.72
CA ILE D 10 30.05 -4.44 11.89
C ILE D 10 31.10 -5.48 11.52
N MET D 11 32.12 -5.63 12.37
CA MET D 11 33.19 -6.60 12.18
C MET D 11 33.16 -7.60 13.33
N SER D 12 33.06 -8.88 12.99
CA SER D 12 33.08 -9.96 13.98
C SER D 12 34.40 -10.70 13.87
N ALA D 13 35.16 -10.71 14.97
CA ALA D 13 36.50 -11.30 14.96
C ALA D 13 36.75 -12.07 16.24
N SER D 14 37.37 -13.24 16.12
CA SER D 14 37.75 -14.02 17.28
C SER D 14 39.07 -13.50 17.85
N PRO D 15 39.29 -13.63 19.15
CA PRO D 15 40.56 -13.21 19.74
C PRO D 15 41.74 -13.96 19.13
N GLY D 16 42.55 -13.24 18.36
CA GLY D 16 43.69 -13.83 17.68
C GLY D 16 43.70 -13.55 16.19
N GLU D 17 42.56 -13.13 15.66
CA GLU D 17 42.46 -12.81 14.25
C GLU D 17 43.04 -11.43 13.96
N LYS D 18 43.47 -11.24 12.72
CA LYS D 18 43.89 -9.93 12.22
C LYS D 18 42.69 -9.19 11.65
N VAL D 19 42.54 -7.92 12.03
CA VAL D 19 41.35 -7.13 11.71
C VAL D 19 41.77 -5.89 10.95
N THR D 20 40.97 -5.52 9.94
CA THR D 20 41.26 -4.34 9.12
C THR D 20 39.97 -3.55 8.92
N LEU D 21 39.95 -2.31 9.40
CA LEU D 21 38.83 -1.40 9.24
C LEU D 21 39.18 -0.33 8.23
N THR D 22 38.32 -0.13 7.22
CA THR D 22 38.62 0.79 6.13
C THR D 22 37.79 2.07 6.26
N CYS D 23 38.43 3.21 6.01
CA CYS D 23 37.77 4.52 5.99
C CYS D 23 38.03 5.18 4.63
N SER D 24 36.99 5.22 3.80
CA SER D 24 37.05 5.89 2.50
C SER D 24 36.57 7.33 2.64
N ALA D 25 37.22 8.25 1.92
CA ALA D 25 36.88 9.66 1.96
C ALA D 25 36.44 10.13 0.59
N SER D 26 35.44 11.01 0.56
CA SER D 26 34.92 11.52 -0.71
C SER D 26 35.89 12.46 -1.40
N SER D 27 36.85 13.01 -0.68
CA SER D 27 37.93 13.80 -1.26
C SER D 27 39.23 13.40 -0.59
N SER D 28 40.34 13.80 -1.19
CA SER D 28 41.65 13.49 -0.63
C SER D 28 41.85 14.22 0.69
N VAL D 29 42.47 13.53 1.65
CA VAL D 29 42.68 14.07 2.99
C VAL D 29 44.12 13.81 3.39
N SER D 30 44.74 14.80 4.05
CA SER D 30 46.15 14.70 4.41
C SER D 30 46.39 13.64 5.46
N TYR D 31 45.67 13.71 6.58
CA TYR D 31 45.84 12.78 7.69
C TYR D 31 44.48 12.31 8.17
N MET D 32 44.43 11.05 8.61
CA MET D 32 43.25 10.47 9.23
C MET D 32 43.49 10.24 10.71
N HIS D 33 42.43 10.39 11.49
CA HIS D 33 42.47 10.11 12.92
C HIS D 33 41.47 9.01 13.25
N TRP D 34 41.76 8.24 14.30
CA TRP D 34 40.92 7.13 14.73
C TRP D 34 40.70 7.20 16.22
N PHE D 35 39.43 7.13 16.63
CA PHE D 35 39.01 7.11 18.02
C PHE D 35 38.32 5.80 18.35
N GLN D 36 38.58 5.30 19.54
CA GLN D 36 37.90 4.12 20.09
C GLN D 36 36.86 4.55 21.11
N GLN D 37 35.69 3.93 21.07
CA GLN D 37 34.64 4.19 22.05
C GLN D 37 34.01 2.88 22.47
N LYS D 38 33.97 2.65 23.77
CA LYS D 38 33.18 1.56 24.32
C LYS D 38 31.85 2.11 24.81
N SER D 39 30.85 1.22 24.87
CA SER D 39 29.47 1.62 25.15
C SER D 39 29.40 2.50 26.39
N GLY D 40 28.83 3.69 26.22
CA GLY D 40 28.57 4.58 27.33
C GLY D 40 29.72 5.47 27.73
N THR D 41 30.93 5.20 27.26
CA THR D 41 32.11 5.95 27.66
C THR D 41 32.52 6.96 26.59
N SER D 42 33.36 7.90 26.99
CA SER D 42 33.82 8.95 26.09
C SER D 42 34.73 8.36 25.01
N PRO D 43 34.68 8.89 23.78
CA PRO D 43 35.65 8.48 22.77
C PRO D 43 37.06 8.86 23.18
N LYS D 44 38.01 7.97 22.86
CA LYS D 44 39.41 8.15 23.20
C LYS D 44 40.24 8.24 21.93
N ARG D 45 41.13 9.22 21.87
CA ARG D 45 42.08 9.31 20.76
C ARG D 45 42.92 8.04 20.71
N TRP D 46 42.92 7.39 19.56
CA TRP D 46 43.57 6.09 19.41
C TRP D 46 44.75 6.14 18.44
N ILE D 47 44.53 6.67 17.23
CA ILE D 47 45.59 6.81 16.23
C ILE D 47 45.46 8.18 15.58
N TYR D 48 46.37 9.09 15.91
CA TYR D 48 46.34 10.43 15.33
C TYR D 48 47.41 10.55 14.27
N ASP D 49 47.19 11.48 13.33
CA ASP D 49 48.08 11.71 12.21
C ASP D 49 48.36 10.42 11.45
N THR D 50 47.28 9.73 11.07
CA THR D 50 47.30 8.55 10.22
C THR D 50 47.91 7.33 10.90
N SER D 51 49.11 7.46 11.49
CA SER D 51 49.83 6.28 11.97
C SER D 51 50.43 6.41 13.36
N LYS D 52 50.33 7.57 14.01
CA LYS D 52 50.90 7.74 15.34
C LYS D 52 49.95 7.17 16.38
N LEU D 53 50.48 6.33 17.28
CA LEU D 53 49.69 5.72 18.33
C LEU D 53 49.63 6.63 19.55
N ALA D 54 48.42 6.82 20.08
CA ALA D 54 48.27 7.64 21.26
C ALA D 54 48.79 6.90 22.49
N SER D 55 48.87 7.63 23.61
CA SER D 55 49.41 7.05 24.84
C SER D 55 48.51 5.93 25.35
N GLY D 56 49.12 4.79 25.66
CA GLY D 56 48.40 3.64 26.17
C GLY D 56 47.89 2.67 25.12
N VAL D 57 47.99 3.01 23.84
CA VAL D 57 47.50 2.16 22.76
C VAL D 57 48.50 1.01 22.54
N PRO D 58 48.06 -0.24 22.64
CA PRO D 58 49.00 -1.37 22.45
C PRO D 58 49.60 -1.38 21.05
N ALA D 59 50.74 -2.06 20.94
CA ALA D 59 51.49 -2.09 19.69
C ALA D 59 50.80 -2.89 18.60
N ARG D 60 49.80 -3.70 18.93
CA ARG D 60 49.09 -4.46 17.91
C ARG D 60 48.24 -3.58 17.02
N PHE D 61 47.98 -2.33 17.40
CA PHE D 61 47.25 -1.39 16.57
C PHE D 61 48.20 -0.66 15.63
N SER D 62 47.73 -0.38 14.42
CA SER D 62 48.50 0.41 13.48
C SER D 62 47.53 1.13 12.53
N GLY D 63 48.02 2.20 11.92
CA GLY D 63 47.24 2.94 10.96
C GLY D 63 48.02 3.15 9.67
N SER D 64 47.29 3.16 8.57
CA SER D 64 47.91 3.30 7.26
C SER D 64 46.92 3.95 6.30
N GLY D 65 47.37 4.15 5.07
CA GLY D 65 46.53 4.70 4.02
C GLY D 65 46.99 6.08 3.58
N SER D 66 46.34 6.57 2.53
CA SER D 66 46.62 7.88 1.97
C SER D 66 45.46 8.26 1.05
N GLY D 67 45.51 9.51 0.59
CA GLY D 67 44.55 10.02 -0.38
C GLY D 67 43.11 9.93 0.07
N THR D 68 42.39 8.93 -0.43
CA THR D 68 40.98 8.74 -0.12
C THR D 68 40.71 7.43 0.60
N SER D 69 41.74 6.70 1.01
CA SER D 69 41.55 5.41 1.66
C SER D 69 42.55 5.26 2.79
N TYR D 70 42.04 5.11 4.02
CA TYR D 70 42.88 4.84 5.18
C TYR D 70 42.36 3.59 5.88
N SER D 71 43.16 3.07 6.81
CA SER D 71 42.84 1.79 7.43
C SER D 71 43.45 1.70 8.81
N LEU D 72 42.69 1.09 9.72
CA LEU D 72 43.15 0.73 11.06
C LEU D 72 43.31 -0.79 11.10
N THR D 73 44.45 -1.25 11.60
CA THR D 73 44.78 -2.67 11.55
C THR D 73 45.13 -3.18 12.95
N ILE D 74 44.53 -4.31 13.30
CA ILE D 74 44.86 -5.06 14.51
C ILE D 74 45.58 -6.33 14.07
N SER D 75 46.82 -6.52 14.55
CA SER D 75 47.56 -7.72 14.19
C SER D 75 46.90 -8.98 14.76
N SER D 76 46.66 -9.00 16.07
CA SER D 76 46.02 -10.12 16.74
C SER D 76 44.92 -9.58 17.64
N MET D 77 43.67 -9.89 17.29
CA MET D 77 42.52 -9.44 18.07
C MET D 77 42.62 -9.87 19.53
N GLU D 78 42.31 -8.96 20.43
CA GLU D 78 42.15 -9.25 21.85
C GLU D 78 40.72 -8.91 22.27
N ALA D 79 40.27 -9.54 23.36
CA ALA D 79 38.90 -9.37 23.82
C ALA D 79 38.60 -7.91 24.17
N GLU D 80 39.58 -7.21 24.74
CA GLU D 80 39.37 -5.81 25.12
C GLU D 80 39.31 -4.87 23.93
N ASP D 81 39.58 -5.36 22.72
CA ASP D 81 39.53 -4.51 21.54
C ASP D 81 38.13 -4.37 20.98
N ALA D 82 37.15 -5.12 21.49
CA ALA D 82 35.78 -5.00 21.01
C ALA D 82 35.21 -3.65 21.39
N ALA D 83 34.88 -2.84 20.38
CA ALA D 83 34.43 -1.46 20.58
C ALA D 83 34.03 -0.83 19.26
N ALA D 84 33.57 0.42 19.28
CA ALA D 84 33.35 1.17 18.06
C ALA D 84 34.61 1.95 17.71
N TYR D 85 34.91 2.03 16.42
CA TYR D 85 36.08 2.76 15.94
C TYR D 85 35.63 3.76 14.89
N TYR D 86 35.94 5.04 15.12
CA TYR D 86 35.52 6.14 14.26
C TYR D 86 36.74 6.78 13.61
N CYS D 87 36.67 6.99 12.30
CA CYS D 87 37.66 7.82 11.62
C CYS D 87 37.17 9.26 11.55
N GLN D 88 38.13 10.18 11.63
CA GLN D 88 37.86 11.60 11.76
C GLN D 88 38.91 12.39 11.01
N GLN D 89 38.47 13.43 10.30
CA GLN D 89 39.33 14.29 9.52
C GLN D 89 39.07 15.75 9.87
N TRP D 90 40.08 16.59 9.67
CA TRP D 90 40.00 18.02 9.91
C TRP D 90 40.33 18.78 8.64
N SER D 91 39.42 19.67 8.22
CA SER D 91 39.64 20.53 7.07
C SER D 91 39.74 21.98 7.55
N SER D 92 40.69 22.72 6.98
CA SER D 92 40.94 24.10 7.38
C SER D 92 40.41 25.12 6.39
N ASP D 93 40.41 24.81 5.09
CA ASP D 93 39.98 25.80 4.10
C ASP D 93 38.55 26.28 4.35
N PRO D 94 37.53 25.43 4.45
CA PRO D 94 36.39 25.75 5.32
C PRO D 94 36.49 24.95 6.61
N PRO D 95 36.75 25.61 7.73
CA PRO D 95 37.01 24.87 8.98
C PRO D 95 35.90 23.91 9.38
N MET D 96 36.18 22.61 9.29
CA MET D 96 35.17 21.58 9.56
C MET D 96 35.85 20.32 10.09
N LEU D 97 35.30 19.79 11.18
CA LEU D 97 35.77 18.55 11.79
C LEU D 97 34.72 17.48 11.54
N THR D 98 35.09 16.44 10.79
CA THR D 98 34.12 15.44 10.32
C THR D 98 34.47 14.06 10.85
N PHE D 99 33.46 13.36 11.35
CA PHE D 99 33.57 11.97 11.78
C PHE D 99 32.98 11.03 10.75
N GLY D 100 33.36 9.76 10.85
CA GLY D 100 32.70 8.71 10.11
C GLY D 100 31.61 8.05 10.93
N ALA D 101 30.79 7.24 10.25
CA ALA D 101 29.69 6.54 10.91
C ALA D 101 30.16 5.51 11.92
N GLY D 102 31.45 5.17 11.92
CA GLY D 102 31.99 4.21 12.87
C GLY D 102 31.81 2.77 12.44
N THR D 103 32.73 1.91 12.89
CA THR D 103 32.64 0.47 12.68
C THR D 103 32.61 -0.22 14.03
N LYS D 104 31.62 -1.06 14.25
CA LYS D 104 31.52 -1.83 15.48
C LYS D 104 32.32 -3.12 15.33
N LEU D 105 33.28 -3.33 16.22
CA LEU D 105 34.10 -4.54 16.27
C LEU D 105 33.63 -5.35 17.47
N GLU D 106 32.99 -6.49 17.19
CA GLU D 106 32.37 -7.34 18.18
C GLU D 106 33.14 -8.64 18.32
N LEU D 107 32.90 -9.33 19.44
CA LEU D 107 33.52 -10.63 19.69
C LEU D 107 32.73 -11.73 19.01
N LYS D 108 33.41 -12.50 18.16
CA LYS D 108 32.77 -13.63 17.49
C LYS D 108 32.78 -14.85 18.39
N ARG D 109 31.67 -15.60 18.38
CA ARG D 109 31.55 -16.83 19.13
C ARG D 109 30.83 -17.85 18.25
N THR D 110 30.48 -18.98 18.86
CA THR D 110 29.72 -20.01 18.15
C THR D 110 28.26 -19.60 18.00
N VAL D 111 27.60 -20.24 17.03
CA VAL D 111 26.20 -19.94 16.75
C VAL D 111 25.33 -20.42 17.91
N ALA D 112 24.41 -19.57 18.35
CA ALA D 112 23.45 -19.93 19.38
C ALA D 112 22.08 -19.43 18.94
N ALA D 113 21.15 -20.36 18.73
CA ALA D 113 19.80 -19.96 18.38
C ALA D 113 19.12 -19.31 19.58
N PRO D 114 18.26 -18.32 19.35
CA PRO D 114 17.62 -17.64 20.47
C PRO D 114 16.59 -18.53 21.14
N SER D 115 16.41 -18.32 22.44
CA SER D 115 15.27 -18.90 23.15
C SER D 115 14.12 -17.91 23.11
N VAL D 116 12.96 -18.36 22.62
CA VAL D 116 11.84 -17.46 22.37
C VAL D 116 10.80 -17.65 23.47
N PHE D 117 10.38 -16.53 24.06
CA PHE D 117 9.33 -16.52 25.08
C PHE D 117 8.34 -15.42 24.75
N ILE D 118 7.09 -15.60 25.15
CA ILE D 118 6.06 -14.59 24.94
C ILE D 118 5.31 -14.35 26.25
N PHE D 119 4.95 -13.09 26.49
CA PHE D 119 4.24 -12.68 27.70
C PHE D 119 3.03 -11.88 27.28
N PRO D 120 1.83 -12.31 27.67
CA PRO D 120 0.62 -11.52 27.40
C PRO D 120 0.53 -10.36 28.36
N PRO D 121 -0.34 -9.37 28.09
CA PRO D 121 -0.53 -8.29 29.04
C PRO D 121 -1.14 -8.78 30.34
N SER D 122 -0.84 -8.07 31.42
CA SER D 122 -1.38 -8.41 32.72
C SER D 122 -2.78 -7.81 32.90
N ASP D 123 -3.50 -8.33 33.88
CA ASP D 123 -4.82 -7.78 34.20
C ASP D 123 -4.70 -6.36 34.73
N GLU D 124 -3.64 -6.09 35.49
CA GLU D 124 -3.40 -4.75 36.02
C GLU D 124 -3.31 -3.73 34.90
N GLN D 125 -2.55 -4.05 33.84
CA GLN D 125 -2.42 -3.12 32.72
C GLN D 125 -3.71 -3.03 31.92
N LEU D 126 -4.42 -4.15 31.76
CA LEU D 126 -5.64 -4.15 30.96
C LEU D 126 -6.73 -3.31 31.61
N LYS D 127 -6.81 -3.32 32.95
CA LYS D 127 -7.79 -2.48 33.62
C LYS D 127 -7.51 -0.99 33.40
N SER D 128 -6.32 -0.64 32.93
CA SER D 128 -5.95 0.74 32.66
C SER D 128 -6.17 1.15 31.20
N GLY D 129 -6.55 0.21 30.34
CA GLY D 129 -6.88 0.54 28.97
C GLY D 129 -5.77 0.37 27.94
N THR D 130 -4.75 -0.45 28.20
CA THR D 130 -3.67 -0.66 27.26
C THR D 130 -3.17 -2.09 27.40
N ALA D 131 -2.78 -2.71 26.28
CA ALA D 131 -2.28 -4.07 26.26
C ALA D 131 -0.88 -4.09 25.67
N SER D 132 0.09 -4.53 26.45
CA SER D 132 1.47 -4.70 26.00
C SER D 132 1.80 -6.19 25.96
N VAL D 133 2.14 -6.68 24.77
CA VAL D 133 2.57 -8.06 24.57
C VAL D 133 4.08 -8.05 24.33
N VAL D 134 4.80 -8.91 25.05
CA VAL D 134 6.26 -8.88 25.02
C VAL D 134 6.78 -10.19 24.44
N CYS D 135 7.72 -10.08 23.49
CA CYS D 135 8.39 -11.23 22.91
C CYS D 135 9.88 -11.12 23.22
N LEU D 136 10.44 -12.17 23.83
CA LEU D 136 11.82 -12.18 24.28
C LEU D 136 12.61 -13.20 23.48
N LEU D 137 13.75 -12.74 22.92
CA LEU D 137 14.74 -13.59 22.27
C LEU D 137 15.97 -13.58 23.18
N ASN D 138 16.27 -14.72 23.78
CA ASN D 138 17.26 -14.82 24.84
C ASN D 138 18.52 -15.51 24.33
N ASN D 139 19.65 -14.84 24.50
CA ASN D 139 21.00 -15.41 24.37
C ASN D 139 21.22 -16.04 22.99
N PHE D 140 21.34 -15.18 22.00
CA PHE D 140 21.60 -15.63 20.64
C PHE D 140 22.83 -14.95 20.06
N TYR D 141 23.40 -15.59 19.03
CA TYR D 141 24.51 -15.08 18.24
C TYR D 141 24.52 -15.88 16.94
N PRO D 142 24.78 -15.25 15.79
CA PRO D 142 25.09 -13.83 15.56
C PRO D 142 23.91 -12.88 15.78
N ARG D 143 24.12 -11.59 15.52
CA ARG D 143 23.16 -10.57 15.90
C ARG D 143 21.91 -10.60 15.02
N GLU D 144 22.06 -10.93 13.73
CA GLU D 144 20.95 -10.80 12.79
C GLU D 144 19.84 -11.78 13.11
N ALA D 145 18.61 -11.28 13.12
CA ALA D 145 17.42 -12.08 13.33
C ALA D 145 16.23 -11.35 12.72
N LYS D 146 15.06 -11.96 12.79
CA LYS D 146 13.83 -11.30 12.34
C LYS D 146 12.68 -11.66 13.27
N VAL D 147 11.97 -10.63 13.72
CA VAL D 147 10.82 -10.76 14.60
C VAL D 147 9.59 -10.25 13.87
N GLN D 148 8.58 -11.10 13.73
CA GLN D 148 7.34 -10.74 13.05
C GLN D 148 6.17 -10.97 14.01
N TRP D 149 5.40 -9.92 14.27
CA TRP D 149 4.18 -10.06 15.06
C TRP D 149 3.02 -10.48 14.17
N LYS D 150 2.22 -11.42 14.67
CA LYS D 150 1.05 -11.91 13.95
C LYS D 150 -0.14 -11.88 14.91
N VAL D 151 -1.20 -11.19 14.50
CA VAL D 151 -2.44 -11.12 15.26
C VAL D 151 -3.52 -11.75 14.40
N ASP D 152 -3.99 -12.93 14.82
CA ASP D 152 -4.89 -13.76 14.01
C ASP D 152 -4.34 -13.95 12.60
N ASN D 153 -3.05 -14.30 12.54
CA ASN D 153 -2.30 -14.58 11.31
C ASN D 153 -2.09 -13.35 10.43
N ALA D 154 -2.44 -12.15 10.93
CA ALA D 154 -2.25 -10.91 10.18
C ALA D 154 -0.92 -10.27 10.57
N LEU D 155 -0.12 -9.92 9.56
CA LEU D 155 1.20 -9.35 9.83
C LEU D 155 1.07 -7.95 10.40
N GLN D 156 1.70 -7.70 11.53
CA GLN D 156 1.67 -6.40 12.17
C GLN D 156 2.82 -5.52 11.68
N SER D 157 2.56 -4.23 11.61
CA SER D 157 3.56 -3.27 11.14
C SER D 157 3.31 -1.91 11.78
N GLY D 158 4.37 -1.29 12.29
CA GLY D 158 4.30 0.04 12.83
C GLY D 158 3.71 0.19 14.22
N ASN D 159 3.47 -0.92 14.93
CA ASN D 159 2.90 -0.84 16.27
C ASN D 159 3.72 -1.66 17.27
N SER D 160 5.01 -1.83 17.00
CA SER D 160 5.90 -2.52 17.93
C SER D 160 7.20 -1.75 18.03
N GLN D 161 7.87 -1.92 19.18
CA GLN D 161 9.18 -1.33 19.41
C GLN D 161 10.08 -2.36 20.06
N GLU D 162 11.36 -2.38 19.67
CA GLU D 162 12.27 -3.39 20.17
C GLU D 162 13.52 -2.74 20.75
N SER D 163 14.20 -3.50 21.60
CA SER D 163 15.42 -3.07 22.27
C SER D 163 16.34 -4.27 22.42
N VAL D 164 17.64 -4.03 22.31
CA VAL D 164 18.63 -5.10 22.32
C VAL D 164 19.73 -4.76 23.31
N THR D 165 20.14 -5.75 24.09
CA THR D 165 21.23 -5.57 25.03
C THR D 165 22.57 -5.53 24.28
N GLU D 166 23.60 -5.04 24.98
CA GLU D 166 24.95 -5.14 24.47
C GLU D 166 25.42 -6.59 24.54
N GLN D 167 26.51 -6.87 23.83
CA GLN D 167 27.08 -8.21 23.83
C GLN D 167 27.48 -8.61 25.24
N ASP D 168 26.94 -9.73 25.72
CA ASP D 168 27.14 -10.15 27.10
C ASP D 168 28.62 -10.35 27.40
N SER D 169 29.04 -9.87 28.57
CA SER D 169 30.46 -9.91 28.93
C SER D 169 30.94 -11.33 29.21
N LYS D 170 30.04 -12.28 29.42
CA LYS D 170 30.43 -13.65 29.74
C LYS D 170 30.37 -14.58 28.52
N ASP D 171 29.21 -14.67 27.86
CA ASP D 171 29.03 -15.59 26.75
C ASP D 171 28.95 -14.91 25.39
N SER D 172 29.03 -13.58 25.34
CA SER D 172 29.09 -12.82 24.10
C SER D 172 27.81 -12.93 23.26
N THR D 173 26.69 -13.25 23.89
CA THR D 173 25.44 -13.34 23.15
C THR D 173 24.66 -12.03 23.24
N TYR D 174 23.62 -11.93 22.42
CA TYR D 174 22.68 -10.82 22.46
C TYR D 174 21.33 -11.30 22.97
N SER D 175 20.54 -10.34 23.47
CA SER D 175 19.15 -10.58 23.83
C SER D 175 18.32 -9.43 23.29
N LEU D 176 17.10 -9.74 22.86
CA LEU D 176 16.22 -8.76 22.22
C LEU D 176 14.83 -8.85 22.83
N SER D 177 14.22 -7.69 23.05
CA SER D 177 12.86 -7.61 23.58
C SER D 177 12.02 -6.77 22.63
N SER D 178 10.89 -7.30 22.20
CA SER D 178 9.97 -6.61 21.30
C SER D 178 8.63 -6.46 22.00
N THR D 179 8.07 -5.25 21.97
CA THR D 179 6.81 -4.94 22.63
C THR D 179 5.81 -4.50 21.57
N LEU D 180 4.70 -5.23 21.47
CA LEU D 180 3.55 -4.86 20.67
C LEU D 180 2.53 -4.19 21.59
N THR D 181 2.17 -2.94 21.28
CA THR D 181 1.28 -2.17 22.12
C THR D 181 -0.02 -1.90 21.39
N LEU D 182 -1.14 -2.21 22.03
CA LEU D 182 -2.46 -1.99 21.46
C LEU D 182 -3.36 -1.35 22.51
N SER D 183 -4.42 -0.72 22.03
CA SER D 183 -5.49 -0.33 22.93
C SER D 183 -6.22 -1.58 23.42
N LYS D 184 -6.84 -1.47 24.60
CA LYS D 184 -7.56 -2.62 25.15
C LYS D 184 -8.68 -3.08 24.20
N ALA D 185 -9.34 -2.15 23.52
CA ALA D 185 -10.40 -2.52 22.58
C ALA D 185 -9.84 -3.30 21.39
N ASP D 186 -8.82 -2.74 20.74
CA ASP D 186 -8.17 -3.45 19.64
C ASP D 186 -7.57 -4.77 20.10
N TYR D 187 -7.14 -4.84 21.36
CA TYR D 187 -6.65 -6.11 21.90
C TYR D 187 -7.78 -7.12 22.01
N GLU D 188 -8.92 -6.70 22.53
CA GLU D 188 -10.05 -7.60 22.71
C GLU D 188 -10.76 -7.93 21.40
N LYS D 189 -10.43 -7.25 20.32
CA LYS D 189 -11.03 -7.58 19.03
C LYS D 189 -10.36 -8.76 18.33
N HIS D 190 -9.37 -9.41 18.95
CA HIS D 190 -8.65 -10.49 18.30
C HIS D 190 -8.36 -11.60 19.30
N LYS D 191 -7.90 -12.75 18.79
CA LYS D 191 -7.78 -13.97 19.59
C LYS D 191 -6.35 -14.46 19.72
N VAL D 192 -5.67 -14.75 18.61
CA VAL D 192 -4.37 -15.41 18.64
C VAL D 192 -3.28 -14.36 18.46
N TYR D 193 -2.38 -14.27 19.44
CA TYR D 193 -1.26 -13.34 19.38
C TYR D 193 0.04 -14.14 19.35
N ALA D 194 0.88 -13.88 18.34
CA ALA D 194 2.07 -14.68 18.13
C ALA D 194 3.24 -13.78 17.72
N CYS D 195 4.43 -14.18 18.13
CA CYS D 195 5.67 -13.64 17.58
C CYS D 195 6.45 -14.78 16.93
N GLU D 196 6.90 -14.53 15.71
CA GLU D 196 7.62 -15.50 14.88
C GLU D 196 9.05 -15.01 14.70
N VAL D 197 10.00 -15.88 15.03
CA VAL D 197 11.42 -15.52 15.08
C VAL D 197 12.17 -16.33 14.04
N THR D 198 13.00 -15.66 13.27
CA THR D 198 13.91 -16.30 12.32
C THR D 198 15.34 -15.96 12.68
N HIS D 199 16.21 -16.97 12.62
CA HIS D 199 17.62 -16.81 12.95
C HIS D 199 18.42 -17.88 12.21
N GLN D 200 19.69 -17.58 11.93
CA GLN D 200 20.52 -18.50 11.15
C GLN D 200 20.77 -19.82 11.87
N GLY D 201 20.65 -19.85 13.19
CA GLY D 201 20.73 -21.11 13.92
C GLY D 201 19.47 -21.92 13.95
N LEU D 202 18.41 -21.45 13.30
CA LEU D 202 17.12 -22.12 13.26
C LEU D 202 16.85 -22.63 11.86
N SER D 203 16.54 -23.93 11.74
CA SER D 203 16.22 -24.50 10.43
C SER D 203 14.86 -24.01 9.94
N SER D 204 13.95 -23.69 10.85
CA SER D 204 12.64 -23.16 10.52
C SER D 204 12.24 -22.13 11.56
N PRO D 205 11.39 -21.18 11.21
CA PRO D 205 11.00 -20.14 12.17
C PRO D 205 10.36 -20.73 13.41
N VAL D 206 10.60 -20.07 14.54
CA VAL D 206 10.04 -20.47 15.83
C VAL D 206 8.91 -19.51 16.17
N THR D 207 7.71 -20.04 16.38
CA THR D 207 6.54 -19.22 16.68
C THR D 207 6.10 -19.47 18.11
N LYS D 208 5.96 -18.40 18.89
CA LYS D 208 5.39 -18.47 20.23
C LYS D 208 4.11 -17.64 20.26
N SER D 209 3.02 -18.26 20.69
CA SER D 209 1.70 -17.66 20.59
C SER D 209 0.90 -17.94 21.85
N PHE D 210 -0.21 -17.20 21.98
CA PHE D 210 -1.17 -17.43 23.06
C PHE D 210 -2.55 -16.98 22.59
N ASN D 211 -3.56 -17.45 23.31
CA ASN D 211 -4.95 -17.07 23.09
C ASN D 211 -5.35 -16.06 24.14
N ARG D 212 -6.01 -14.98 23.71
CA ARG D 212 -6.32 -13.88 24.62
C ARG D 212 -7.16 -14.33 25.81
N GLY D 213 -8.16 -15.19 25.55
CA GLY D 213 -9.03 -15.64 26.62
C GLY D 213 -8.36 -16.58 27.60
N GLU D 214 -7.31 -17.28 27.18
CA GLU D 214 -6.65 -18.27 28.02
C GLU D 214 -5.53 -17.63 28.85
N LEU E 4 -31.53 -15.55 -11.27
CA LEU E 4 -32.60 -14.67 -11.71
C LEU E 4 -32.16 -13.86 -12.94
N THR E 5 -32.96 -13.93 -14.00
CA THR E 5 -32.68 -13.25 -15.26
C THR E 5 -33.73 -12.17 -15.46
N GLN E 6 -33.29 -10.93 -15.63
CA GLN E 6 -34.21 -9.81 -15.75
C GLN E 6 -34.33 -9.36 -17.21
N THR E 7 -35.56 -9.05 -17.62
CA THR E 7 -35.86 -8.65 -18.97
C THR E 7 -36.76 -7.42 -18.97
N PRO E 8 -36.45 -6.43 -19.81
CA PRO E 8 -35.28 -6.35 -20.68
C PRO E 8 -34.05 -5.91 -19.88
N ALA E 9 -32.86 -5.89 -20.45
CA ALA E 9 -31.72 -5.35 -19.72
C ALA E 9 -31.86 -3.84 -19.55
N ILE E 10 -32.36 -3.16 -20.58
CA ILE E 10 -32.60 -1.72 -20.55
C ILE E 10 -33.99 -1.47 -21.10
N MET E 11 -34.80 -0.71 -20.36
CA MET E 11 -36.16 -0.38 -20.78
C MET E 11 -36.25 1.14 -21.00
N SER E 12 -36.67 1.53 -22.19
CA SER E 12 -36.86 2.93 -22.54
C SER E 12 -38.36 3.20 -22.66
N ALA E 13 -38.85 4.13 -21.86
CA ALA E 13 -40.29 4.39 -21.79
C ALA E 13 -40.55 5.89 -21.70
N SER E 14 -41.56 6.31 -22.45
CA SER E 14 -42.01 7.70 -22.43
C SER E 14 -42.91 7.94 -21.22
N PRO E 15 -42.95 9.17 -20.69
CA PRO E 15 -43.84 9.46 -19.55
C PRO E 15 -45.29 9.21 -19.88
N GLY E 16 -45.89 8.18 -19.28
CA GLY E 16 -47.27 7.85 -19.57
C GLY E 16 -47.50 6.42 -19.99
N GLU E 17 -46.44 5.72 -20.38
CA GLU E 17 -46.56 4.35 -20.82
C GLU E 17 -46.77 3.40 -19.65
N LYS E 18 -47.40 2.25 -19.94
CA LYS E 18 -47.45 1.15 -19.00
C LYS E 18 -46.21 0.29 -19.23
N VAL E 19 -45.49 0.00 -18.14
CA VAL E 19 -44.20 -0.68 -18.26
C VAL E 19 -44.20 -1.91 -17.37
N THR E 20 -43.61 -2.99 -17.87
CA THR E 20 -43.55 -4.25 -17.15
C THR E 20 -42.14 -4.82 -17.26
N LEU E 21 -41.49 -5.01 -16.12
CA LEU E 21 -40.18 -5.62 -16.04
C LEU E 21 -40.35 -7.04 -15.53
N THR E 22 -39.78 -8.01 -16.24
CA THR E 22 -39.97 -9.42 -15.93
C THR E 22 -38.72 -9.98 -15.27
N CYS E 23 -38.93 -10.81 -14.26
CA CYS E 23 -37.86 -11.54 -13.58
C CYS E 23 -38.17 -13.02 -13.78
N SER E 24 -37.39 -13.65 -14.66
CA SER E 24 -37.49 -15.07 -14.94
C SER E 24 -36.56 -15.86 -14.02
N ALA E 25 -37.03 -17.00 -13.56
CA ALA E 25 -36.24 -17.82 -12.65
C ALA E 25 -35.97 -19.19 -13.25
N MET E 32 -41.29 -12.99 -4.88
CA MET E 32 -40.25 -12.19 -5.51
C MET E 32 -40.04 -10.91 -4.70
N HIS E 33 -38.82 -10.40 -4.66
CA HIS E 33 -38.57 -9.10 -4.04
C HIS E 33 -38.01 -8.15 -5.08
N TRP E 34 -38.32 -6.86 -4.95
CA TRP E 34 -37.90 -5.85 -5.90
C TRP E 34 -37.33 -4.64 -5.17
N PHE E 35 -36.13 -4.22 -5.58
CA PHE E 35 -35.44 -3.07 -5.03
C PHE E 35 -35.26 -2.03 -6.11
N GLN E 36 -35.42 -0.76 -5.75
CA GLN E 36 -35.12 0.36 -6.62
C GLN E 36 -33.80 1.00 -6.19
N GLN E 37 -32.97 1.33 -7.17
CA GLN E 37 -31.71 2.02 -6.89
C GLN E 37 -31.50 3.11 -7.92
N LYS E 38 -31.29 4.33 -7.47
CA LYS E 38 -30.82 5.40 -8.33
C LYS E 38 -29.31 5.53 -8.18
N SER E 39 -28.68 6.10 -9.21
CA SER E 39 -27.23 6.14 -9.32
C SER E 39 -26.59 6.66 -8.05
N GLY E 40 -25.71 5.85 -7.45
CA GLY E 40 -24.92 6.26 -6.31
C GLY E 40 -25.58 6.06 -4.96
N THR E 41 -26.87 5.79 -4.91
CA THR E 41 -27.59 5.67 -3.66
C THR E 41 -27.82 4.21 -3.29
N SER E 42 -28.13 3.99 -2.02
CA SER E 42 -28.35 2.63 -1.54
C SER E 42 -29.62 2.05 -2.15
N PRO E 43 -29.65 0.75 -2.45
CA PRO E 43 -30.89 0.13 -2.91
C PRO E 43 -31.96 0.22 -1.84
N LYS E 44 -33.20 0.47 -2.26
CA LYS E 44 -34.33 0.59 -1.35
C LYS E 44 -35.33 -0.51 -1.67
N ARG E 45 -35.80 -1.19 -0.64
CA ARG E 45 -36.87 -2.17 -0.83
C ARG E 45 -38.09 -1.47 -1.42
N TRP E 46 -38.56 -1.98 -2.56
CA TRP E 46 -39.63 -1.33 -3.30
C TRP E 46 -40.90 -2.16 -3.34
N ILE E 47 -40.82 -3.44 -3.72
CA ILE E 47 -41.98 -4.31 -3.73
C ILE E 47 -41.56 -5.65 -3.13
N TYR E 48 -42.01 -5.91 -1.91
CA TYR E 48 -41.68 -7.13 -1.18
C TYR E 48 -42.84 -8.10 -1.21
N ASP E 49 -42.53 -9.39 -1.07
CA ASP E 49 -43.51 -10.47 -1.10
C ASP E 49 -44.39 -10.37 -2.35
N THR E 50 -43.72 -10.32 -3.51
CA THR E 50 -44.32 -10.36 -4.83
C THR E 50 -45.12 -9.10 -5.17
N SER E 51 -46.03 -8.67 -4.28
CA SER E 51 -46.95 -7.61 -4.63
C SER E 51 -47.13 -6.54 -3.56
N LYS E 52 -46.53 -6.68 -2.38
CA LYS E 52 -46.72 -5.70 -1.31
C LYS E 52 -45.84 -4.48 -1.56
N LEU E 53 -46.45 -3.30 -1.46
CA LEU E 53 -45.75 -2.05 -1.71
C LEU E 53 -45.08 -1.57 -0.42
N ALA E 54 -43.81 -1.18 -0.53
CA ALA E 54 -43.08 -0.67 0.61
C ALA E 54 -43.53 0.74 0.96
N SER E 55 -43.03 1.23 2.10
CA SER E 55 -43.41 2.56 2.58
C SER E 55 -42.90 3.64 1.64
N GLY E 56 -43.79 4.55 1.23
CA GLY E 56 -43.43 5.62 0.34
C GLY E 56 -43.56 5.30 -1.13
N VAL E 57 -43.83 4.05 -1.47
CA VAL E 57 -43.95 3.62 -2.87
C VAL E 57 -45.27 4.10 -3.44
N PRO E 58 -45.26 4.88 -4.52
CA PRO E 58 -46.52 5.37 -5.09
C PRO E 58 -47.42 4.23 -5.58
N ALA E 59 -48.71 4.54 -5.68
CA ALA E 59 -49.70 3.53 -6.04
C ALA E 59 -49.58 3.05 -7.48
N ARG E 60 -48.83 3.77 -8.32
CA ARG E 60 -48.65 3.34 -9.71
C ARG E 60 -47.80 2.09 -9.82
N PHE E 61 -47.09 1.71 -8.76
CA PHE E 61 -46.29 0.50 -8.76
C PHE E 61 -47.15 -0.70 -8.35
N SER E 62 -46.89 -1.84 -8.98
CA SER E 62 -47.56 -3.07 -8.59
C SER E 62 -46.65 -4.25 -8.91
N GLY E 63 -46.91 -5.38 -8.26
CA GLY E 63 -46.16 -6.59 -8.51
C GLY E 63 -47.07 -7.76 -8.74
N SER E 64 -46.63 -8.67 -9.60
CA SER E 64 -47.42 -9.85 -9.92
C SER E 64 -46.48 -10.99 -10.30
N GLY E 65 -47.06 -12.14 -10.59
CA GLY E 65 -46.32 -13.31 -11.04
C GLY E 65 -46.30 -14.40 -9.98
N SER E 66 -45.77 -15.54 -10.41
CA SER E 66 -45.64 -16.71 -9.54
C SER E 66 -44.70 -17.71 -10.19
N GLY E 67 -44.39 -18.77 -9.44
CA GLY E 67 -43.61 -19.87 -9.96
C GLY E 67 -42.24 -19.49 -10.49
N THR E 68 -42.14 -19.36 -11.81
CA THR E 68 -40.87 -19.06 -12.46
C THR E 68 -40.88 -17.72 -13.19
N SER E 69 -41.94 -16.93 -13.07
CA SER E 69 -42.04 -15.66 -13.78
C SER E 69 -42.71 -14.63 -12.88
N TYR E 70 -42.01 -13.54 -12.58
CA TYR E 70 -42.59 -12.45 -11.80
C TYR E 70 -42.43 -11.15 -12.59
N SER E 71 -43.13 -10.10 -12.14
CA SER E 71 -43.14 -8.87 -12.91
C SER E 71 -43.43 -7.68 -12.00
N LEU E 72 -42.74 -6.57 -12.29
CA LEU E 72 -42.99 -5.27 -11.69
C LEU E 72 -43.63 -4.38 -12.74
N THR E 73 -44.72 -3.70 -12.39
CA THR E 73 -45.53 -2.97 -13.35
C THR E 73 -45.75 -1.54 -12.88
N ILE E 74 -45.52 -0.59 -13.78
CA ILE E 74 -45.88 0.82 -13.60
C ILE E 74 -47.05 1.12 -14.52
N SER E 75 -48.15 1.60 -13.95
CA SER E 75 -49.33 1.96 -14.73
C SER E 75 -49.03 3.12 -15.66
N SER E 76 -48.52 4.23 -15.12
CA SER E 76 -48.17 5.41 -15.90
C SER E 76 -46.76 5.85 -15.51
N MET E 77 -45.82 5.71 -16.44
CA MET E 77 -44.44 6.10 -16.20
C MET E 77 -44.34 7.56 -15.77
N GLU E 78 -43.53 7.81 -14.74
CA GLU E 78 -43.19 9.16 -14.32
C GLU E 78 -41.68 9.35 -14.44
N ALA E 79 -41.27 10.61 -14.55
CA ALA E 79 -39.85 10.92 -14.73
C ALA E 79 -39.02 10.43 -13.55
N GLU E 80 -39.56 10.51 -12.33
CA GLU E 80 -38.83 10.08 -11.15
C GLU E 80 -38.70 8.58 -11.03
N ASP E 81 -39.37 7.80 -11.89
CA ASP E 81 -39.28 6.35 -11.84
C ASP E 81 -38.06 5.80 -12.57
N ALA E 82 -37.32 6.64 -13.29
CA ALA E 82 -36.13 6.19 -13.99
C ALA E 82 -35.06 5.76 -13.00
N ALA E 83 -34.69 4.48 -13.02
CA ALA E 83 -33.75 3.92 -12.06
C ALA E 83 -33.44 2.46 -12.39
N ALA E 84 -32.56 1.83 -11.64
CA ALA E 84 -32.34 0.39 -11.77
C ALA E 84 -33.28 -0.35 -10.84
N TYR E 85 -33.79 -1.48 -11.30
CA TYR E 85 -34.69 -2.31 -10.51
C TYR E 85 -34.14 -3.73 -10.47
N TYR E 86 -33.91 -4.23 -9.27
CA TYR E 86 -33.32 -5.54 -9.06
C TYR E 86 -34.34 -6.46 -8.42
N CYS E 87 -34.50 -7.66 -8.97
CA CYS E 87 -35.26 -8.68 -8.27
C CYS E 87 -34.33 -9.54 -7.42
N GLN E 88 -34.83 -9.97 -6.27
CA GLN E 88 -34.04 -10.67 -5.27
C GLN E 88 -34.90 -11.72 -4.59
N GLN E 89 -34.31 -12.90 -4.44
CA GLN E 89 -34.97 -14.08 -3.92
C GLN E 89 -34.14 -14.68 -2.79
N TRP E 90 -34.84 -15.38 -1.89
CA TRP E 90 -34.22 -16.11 -0.80
C TRP E 90 -34.62 -17.58 -0.91
N SER E 91 -33.62 -18.46 -0.93
CA SER E 91 -33.82 -19.90 -0.98
C SER E 91 -33.38 -20.51 0.34
N SER E 92 -34.15 -21.47 0.82
CA SER E 92 -33.89 -22.11 2.11
C SER E 92 -33.25 -23.48 1.93
N PRO E 94 -30.99 -24.99 0.29
CA PRO E 94 -29.70 -24.30 0.45
C PRO E 94 -29.85 -22.77 0.69
N PRO E 95 -29.55 -22.35 1.94
CA PRO E 95 -29.71 -20.93 2.31
C PRO E 95 -28.91 -20.02 1.39
N MET E 96 -29.59 -19.25 0.54
CA MET E 96 -28.92 -18.41 -0.44
C MET E 96 -29.77 -17.20 -0.76
N LEU E 97 -29.18 -16.02 -0.72
CA LEU E 97 -29.85 -14.77 -1.07
C LEU E 97 -29.26 -14.30 -2.40
N THR E 98 -30.09 -14.29 -3.44
CA THR E 98 -29.61 -14.04 -4.79
C THR E 98 -30.32 -12.84 -5.40
N PHE E 99 -29.53 -11.98 -6.05
CA PHE E 99 -30.06 -10.83 -6.79
C PHE E 99 -30.06 -11.13 -8.29
N GLY E 100 -30.86 -10.34 -9.01
CA GLY E 100 -30.79 -10.35 -10.45
C GLY E 100 -29.87 -9.27 -10.99
N ALA E 101 -29.58 -9.36 -12.29
CA ALA E 101 -28.69 -8.39 -12.92
C ALA E 101 -29.27 -6.98 -12.94
N GLY E 102 -30.56 -6.82 -12.65
CA GLY E 102 -31.17 -5.52 -12.65
C GLY E 102 -31.59 -5.07 -14.03
N THR E 103 -32.63 -4.24 -14.10
CA THR E 103 -33.07 -3.63 -15.34
C THR E 103 -33.03 -2.13 -15.18
N LYS E 104 -32.37 -1.44 -16.11
CA LYS E 104 -32.34 0.02 -16.10
C LYS E 104 -33.57 0.54 -16.82
N LEU E 105 -34.35 1.34 -16.12
CA LEU E 105 -35.53 2.00 -16.67
C LEU E 105 -35.17 3.46 -16.91
N GLU E 106 -35.01 3.82 -18.19
CA GLU E 106 -34.56 5.14 -18.60
C GLU E 106 -35.69 5.89 -19.28
N LEU E 107 -35.54 7.21 -19.36
CA LEU E 107 -36.53 8.06 -20.01
C LEU E 107 -36.26 8.08 -21.51
N LYS E 108 -37.27 7.73 -22.31
CA LYS E 108 -37.14 7.74 -23.75
C LYS E 108 -37.38 9.15 -24.30
N ARG E 109 -36.59 9.51 -25.31
CA ARG E 109 -36.73 10.80 -25.99
C ARG E 109 -36.59 10.54 -27.49
N THR E 110 -36.54 11.62 -28.27
CA THR E 110 -36.35 11.48 -29.70
C THR E 110 -34.91 11.12 -30.02
N VAL E 111 -34.72 10.55 -31.22
CA VAL E 111 -33.39 10.09 -31.64
C VAL E 111 -32.50 11.31 -31.87
N ALA E 112 -31.27 11.24 -31.35
CA ALA E 112 -30.27 12.28 -31.56
C ALA E 112 -28.95 11.62 -31.90
N ALA E 113 -28.45 11.89 -33.11
CA ALA E 113 -27.14 11.38 -33.48
C ALA E 113 -26.05 12.12 -32.71
N PRO E 114 -24.96 11.43 -32.36
CA PRO E 114 -23.90 12.08 -31.59
C PRO E 114 -23.14 13.11 -32.41
N SER E 115 -22.65 14.14 -31.73
CA SER E 115 -21.67 15.05 -32.32
C SER E 115 -20.28 14.50 -32.03
N VAL E 116 -19.48 14.28 -33.06
CA VAL E 116 -18.19 13.62 -32.92
C VAL E 116 -17.08 14.65 -33.02
N PHE E 117 -16.16 14.61 -32.06
CA PHE E 117 -14.97 15.46 -32.06
C PHE E 117 -13.76 14.60 -31.74
N ILE E 118 -12.60 15.02 -32.25
CA ILE E 118 -11.34 14.31 -31.99
C ILE E 118 -10.30 15.31 -31.51
N PHE E 119 -9.46 14.87 -30.58
CA PHE E 119 -8.43 15.69 -29.96
C PHE E 119 -7.12 14.94 -30.07
N PRO E 120 -6.09 15.52 -30.69
CA PRO E 120 -4.77 14.89 -30.74
C PRO E 120 -4.07 15.06 -29.41
N PRO E 121 -3.00 14.30 -29.17
CA PRO E 121 -2.25 14.48 -27.92
C PRO E 121 -1.57 15.83 -27.85
N SER E 122 -1.37 16.31 -26.63
CA SER E 122 -0.69 17.57 -26.41
C SER E 122 0.82 17.37 -26.43
N ASP E 123 1.55 18.48 -26.58
CA ASP E 123 3.01 18.42 -26.54
C ASP E 123 3.51 18.02 -25.16
N GLU E 124 2.83 18.49 -24.11
CA GLU E 124 3.22 18.17 -22.74
C GLU E 124 3.24 16.66 -22.51
N GLN E 125 2.19 15.97 -22.95
CA GLN E 125 2.14 14.53 -22.77
C GLN E 125 3.16 13.83 -23.67
N LEU E 126 3.38 14.35 -24.87
CA LEU E 126 4.35 13.75 -25.78
C LEU E 126 5.77 13.84 -25.23
N LYS E 127 6.08 14.90 -24.48
CA LYS E 127 7.39 14.99 -23.84
C LYS E 127 7.63 13.87 -22.84
N SER E 128 6.57 13.21 -22.39
CA SER E 128 6.69 12.12 -21.42
C SER E 128 6.71 10.74 -22.06
N GLY E 129 6.52 10.64 -23.37
CA GLY E 129 6.62 9.37 -24.06
C GLY E 129 5.31 8.64 -24.24
N THR E 130 4.18 9.33 -24.22
CA THR E 130 2.88 8.70 -24.38
C THR E 130 1.95 9.65 -25.13
N ALA E 131 1.12 9.09 -26.00
CA ALA E 131 0.18 9.86 -26.81
C ALA E 131 -1.23 9.34 -26.53
N SER E 132 -2.09 10.22 -26.02
CA SER E 132 -3.49 9.91 -25.81
C SER E 132 -4.32 10.71 -26.81
N VAL E 133 -5.06 10.00 -27.66
CA VAL E 133 -5.97 10.59 -28.63
C VAL E 133 -7.38 10.40 -28.12
N VAL E 134 -8.17 11.46 -28.09
CA VAL E 134 -9.49 11.44 -27.44
C VAL E 134 -10.57 11.66 -28.49
N CYS E 135 -11.59 10.80 -28.45
CA CYS E 135 -12.76 10.91 -29.32
C CYS E 135 -13.98 11.11 -28.45
N LEU E 136 -14.74 12.18 -28.72
CA LEU E 136 -15.91 12.55 -27.96
C LEU E 136 -17.16 12.39 -28.79
N LEU E 137 -18.14 11.66 -28.25
CA LEU E 137 -19.47 11.55 -28.80
C LEU E 137 -20.40 12.31 -27.86
N ASN E 138 -20.95 13.43 -28.34
CA ASN E 138 -21.67 14.37 -27.50
C ASN E 138 -23.15 14.31 -27.78
N ASN E 139 -23.93 14.08 -26.72
CA ASN E 139 -25.38 14.31 -26.68
C ASN E 139 -26.10 13.47 -27.74
N PHE E 140 -26.13 12.17 -27.50
CA PHE E 140 -26.81 11.25 -28.40
C PHE E 140 -27.82 10.40 -27.62
N TYR E 141 -28.76 9.86 -28.37
CA TYR E 141 -29.77 8.94 -27.85
C TYR E 141 -30.36 8.19 -29.04
N PRO E 142 -30.61 6.88 -28.92
CA PRO E 142 -30.43 6.01 -27.74
C PRO E 142 -28.96 5.74 -27.38
N ARG E 143 -28.76 4.91 -26.36
CA ARG E 143 -27.43 4.72 -25.79
C ARG E 143 -26.51 3.94 -26.72
N GLU E 144 -27.05 2.99 -27.48
CA GLU E 144 -26.22 2.09 -28.26
C GLU E 144 -25.48 2.84 -29.35
N ALA E 145 -24.17 2.59 -29.45
CA ALA E 145 -23.33 3.17 -30.49
C ALA E 145 -22.11 2.28 -30.65
N LYS E 146 -21.26 2.61 -31.62
CA LYS E 146 -20.01 1.89 -31.78
C LYS E 146 -18.92 2.87 -32.20
N VAL E 147 -17.79 2.80 -31.49
CA VAL E 147 -16.62 3.63 -31.75
C VAL E 147 -15.49 2.71 -32.20
N GLN E 148 -14.94 2.98 -33.38
CA GLN E 148 -13.84 2.19 -33.94
C GLN E 148 -12.67 3.12 -34.18
N TRP E 149 -11.53 2.81 -33.56
CA TRP E 149 -10.30 3.55 -33.81
C TRP E 149 -9.61 2.99 -35.03
N LYS E 150 -9.16 3.88 -35.91
CA LYS E 150 -8.44 3.50 -37.13
C LYS E 150 -7.19 4.36 -37.26
N VAL E 151 -6.05 3.70 -37.38
CA VAL E 151 -4.77 4.37 -37.55
C VAL E 151 -4.23 3.98 -38.92
N ASP E 152 -4.21 4.94 -39.85
CA ASP E 152 -3.89 4.68 -41.25
C ASP E 152 -4.73 3.53 -41.79
N ASN E 153 -6.04 3.58 -41.52
CA ASN E 153 -7.05 2.62 -41.94
C ASN E 153 -6.90 1.26 -41.26
N ALA E 154 -6.03 1.13 -40.27
CA ALA E 154 -5.87 -0.12 -39.53
C ALA E 154 -6.72 -0.06 -38.27
N LEU E 155 -7.59 -1.05 -38.10
CA LEU E 155 -8.49 -1.06 -36.95
C LEU E 155 -7.73 -1.41 -35.67
N GLN E 156 -7.92 -0.58 -34.65
CA GLN E 156 -7.25 -0.76 -33.37
C GLN E 156 -8.09 -1.64 -32.46
N SER E 157 -7.41 -2.42 -31.62
CA SER E 157 -8.07 -3.33 -30.70
C SER E 157 -7.21 -3.53 -29.47
N GLY E 158 -7.83 -3.44 -28.29
CA GLY E 158 -7.14 -3.70 -27.05
C GLY E 158 -6.27 -2.58 -26.53
N ASN E 159 -6.33 -1.40 -27.14
CA ASN E 159 -5.51 -0.26 -26.72
C ASN E 159 -6.34 1.00 -26.54
N SER E 160 -7.63 0.86 -26.25
CA SER E 160 -8.50 2.00 -25.99
C SER E 160 -9.38 1.73 -24.79
N GLN E 161 -9.79 2.82 -24.12
CA GLN E 161 -10.73 2.73 -23.00
C GLN E 161 -11.77 3.83 -23.10
N GLU E 162 -13.02 3.51 -22.78
CA GLU E 162 -14.11 4.46 -22.92
C GLU E 162 -14.93 4.55 -21.64
N SER E 163 -15.64 5.66 -21.51
CA SER E 163 -16.52 5.90 -20.36
C SER E 163 -17.71 6.72 -20.84
N VAL E 164 -18.86 6.50 -20.19
CA VAL E 164 -20.13 7.09 -20.60
C VAL E 164 -20.77 7.79 -19.42
N THR E 165 -21.31 8.99 -19.65
CA THR E 165 -22.01 9.72 -18.61
C THR E 165 -23.38 9.09 -18.36
N GLU E 166 -23.98 9.45 -17.22
CA GLU E 166 -25.36 9.09 -16.96
C GLU E 166 -26.29 9.90 -17.86
N GLN E 167 -27.54 9.46 -17.94
CA GLN E 167 -28.53 10.16 -18.75
C GLN E 167 -28.71 11.58 -18.24
N ASP E 168 -28.49 12.55 -19.11
CA ASP E 168 -28.52 13.95 -18.70
C ASP E 168 -29.89 14.32 -18.16
N SER E 169 -29.89 15.04 -17.03
CA SER E 169 -31.13 15.39 -16.36
C SER E 169 -31.96 16.40 -17.15
N LYS E 170 -31.37 17.07 -18.14
CA LYS E 170 -32.06 18.11 -18.90
C LYS E 170 -32.57 17.61 -20.26
N ASP E 171 -31.68 17.07 -21.10
CA ASP E 171 -32.06 16.67 -22.45
C ASP E 171 -32.12 15.16 -22.64
N SER E 172 -31.84 14.37 -21.60
CA SER E 172 -31.98 12.91 -21.61
C SER E 172 -31.01 12.22 -22.57
N THR E 173 -29.92 12.87 -22.95
CA THR E 173 -28.94 12.27 -23.85
C THR E 173 -27.79 11.64 -23.07
N TYR E 174 -26.98 10.87 -23.79
CA TYR E 174 -25.74 10.31 -23.28
C TYR E 174 -24.54 10.94 -23.97
N SER E 175 -23.38 10.83 -23.31
CA SER E 175 -22.11 11.24 -23.90
C SER E 175 -21.07 10.17 -23.63
N LEU E 176 -20.17 9.99 -24.58
CA LEU E 176 -19.15 8.94 -24.51
C LEU E 176 -17.79 9.55 -24.82
N SER E 177 -16.78 9.12 -24.06
CA SER E 177 -15.41 9.55 -24.26
C SER E 177 -14.54 8.32 -24.42
N SER E 178 -13.78 8.24 -25.51
CA SER E 178 -12.89 7.13 -25.79
C SER E 178 -11.46 7.64 -25.92
N THR E 179 -10.52 6.99 -25.24
CA THR E 179 -9.12 7.36 -25.27
C THR E 179 -8.31 6.21 -25.86
N LEU E 180 -7.59 6.49 -26.94
CA LEU E 180 -6.62 5.58 -27.52
C LEU E 180 -5.24 5.99 -27.04
N THR E 181 -4.53 5.07 -26.41
CA THR E 181 -3.23 5.35 -25.81
C THR E 181 -2.15 4.55 -26.53
N LEU E 182 -1.10 5.25 -26.96
CA LEU E 182 0.04 4.64 -27.60
C LEU E 182 1.34 5.20 -27.03
N SER E 183 2.43 4.48 -27.24
CA SER E 183 3.75 5.04 -26.98
C SER E 183 4.05 6.13 -28.01
N LYS E 184 4.92 7.07 -27.62
CA LYS E 184 5.30 8.15 -28.53
C LYS E 184 5.92 7.59 -29.80
N ALA E 185 6.72 6.52 -29.67
CA ALA E 185 7.34 5.91 -30.84
C ALA E 185 6.28 5.30 -31.76
N ASP E 186 5.39 4.48 -31.20
CA ASP E 186 4.31 3.93 -32.02
C ASP E 186 3.42 5.02 -32.60
N TYR E 187 3.27 6.13 -31.87
CA TYR E 187 2.47 7.24 -32.38
C TYR E 187 3.12 7.87 -33.61
N GLU E 188 4.44 8.11 -33.55
CA GLU E 188 5.13 8.73 -34.67
C GLU E 188 5.33 7.80 -35.85
N LYS E 189 5.01 6.51 -35.72
CA LYS E 189 5.13 5.55 -36.81
C LYS E 189 3.95 5.60 -37.78
N HIS E 190 2.99 6.50 -37.58
CA HIS E 190 1.79 6.54 -38.40
C HIS E 190 1.40 7.99 -38.66
N LYS E 191 0.44 8.17 -39.56
CA LYS E 191 0.07 9.50 -40.05
C LYS E 191 -1.37 9.87 -39.71
N VAL E 192 -2.36 9.09 -40.14
CA VAL E 192 -3.76 9.46 -40.04
C VAL E 192 -4.38 8.73 -38.85
N TYR E 193 -4.93 9.51 -37.91
CA TYR E 193 -5.61 8.97 -36.75
C TYR E 193 -7.08 9.35 -36.82
N ALA E 194 -7.97 8.36 -36.74
CA ALA E 194 -9.38 8.58 -36.94
C ALA E 194 -10.19 7.79 -35.95
N CYS E 195 -11.34 8.34 -35.54
CA CYS E 195 -12.37 7.59 -34.85
C CYS E 195 -13.63 7.60 -35.71
N GLU E 196 -14.20 6.42 -35.91
CA GLU E 196 -15.36 6.20 -36.74
C GLU E 196 -16.52 5.75 -35.86
N VAL E 197 -17.65 6.45 -35.97
CA VAL E 197 -18.78 6.28 -35.07
C VAL E 197 -19.97 5.80 -35.87
N THR E 198 -20.64 4.76 -35.37
CA THR E 198 -21.90 4.29 -35.91
C THR E 198 -22.98 4.40 -34.85
N HIS E 199 -24.16 4.86 -35.27
CA HIS E 199 -25.31 5.07 -34.40
C HIS E 199 -26.57 4.96 -35.25
N GLN E 200 -27.67 4.58 -34.60
CA GLN E 200 -28.91 4.37 -35.34
C GLN E 200 -29.46 5.64 -35.96
N GLY E 201 -29.08 6.81 -35.44
CA GLY E 201 -29.44 8.06 -36.05
C GLY E 201 -28.56 8.49 -37.21
N LEU E 202 -27.58 7.67 -37.59
CA LEU E 202 -26.67 7.96 -38.69
C LEU E 202 -26.92 7.00 -39.83
N SER E 203 -27.15 7.55 -41.03
CA SER E 203 -27.31 6.69 -42.21
C SER E 203 -26.00 6.05 -42.62
N SER E 204 -24.88 6.70 -42.34
CA SER E 204 -23.55 6.19 -42.63
C SER E 204 -22.62 6.58 -41.49
N PRO E 205 -21.55 5.80 -41.26
CA PRO E 205 -20.64 6.12 -40.16
C PRO E 205 -20.01 7.50 -40.32
N VAL E 206 -19.75 8.15 -39.19
CA VAL E 206 -19.12 9.47 -39.16
C VAL E 206 -17.68 9.30 -38.71
N THR E 207 -16.74 9.74 -39.53
CA THR E 207 -15.32 9.61 -39.24
C THR E 207 -14.74 10.99 -38.95
N LYS E 208 -14.08 11.13 -37.80
CA LYS E 208 -13.33 12.33 -37.47
C LYS E 208 -11.86 11.96 -37.35
N SER E 209 -11.01 12.67 -38.09
CA SER E 209 -9.61 12.27 -38.23
C SER E 209 -8.71 13.49 -38.22
N PHE E 210 -7.41 13.21 -38.07
CA PHE E 210 -6.38 14.23 -38.19
C PHE E 210 -5.08 13.59 -38.63
N ASN E 211 -4.17 14.43 -39.12
CA ASN E 211 -2.83 14.01 -39.50
C ASN E 211 -1.87 14.43 -38.39
N ARG E 212 -0.99 13.51 -38.00
CA ARG E 212 -0.12 13.73 -36.85
C ARG E 212 0.76 14.96 -37.02
N GLY E 213 1.29 15.18 -38.22
CA GLY E 213 2.17 16.31 -38.43
C GLY E 213 1.48 17.65 -38.37
N GLU E 214 0.18 17.68 -38.67
CA GLU E 214 -0.57 18.92 -38.71
C GLU E 214 -1.18 19.24 -37.35
N UNK F 1 14.00 -21.29 -9.91
CA UNK F 1 13.95 -22.75 -9.93
C UNK F 1 15.16 -23.33 -9.21
N VAL F 2 15.55 -22.67 -8.11
CA VAL F 2 16.75 -23.03 -7.33
C VAL F 2 16.79 -24.53 -7.01
N GLN F 3 17.99 -25.12 -7.09
CA GLN F 3 18.17 -26.53 -6.79
C GLN F 3 19.50 -26.74 -6.07
N LEU F 4 19.48 -27.60 -5.05
CA LEU F 4 20.69 -27.95 -4.32
C LEU F 4 20.93 -29.47 -4.32
N UNK F 5 22.18 -29.87 -4.55
CA UNK F 5 22.53 -31.29 -4.54
C UNK F 5 23.80 -31.53 -3.71
N UNK F 6 23.64 -32.28 -2.62
CA UNK F 6 24.76 -32.59 -1.72
C UNK F 6 25.40 -33.93 -2.06
N SER F 7 26.69 -34.05 -1.74
CA SER F 7 27.43 -35.29 -1.98
C SER F 7 28.66 -35.38 -1.09
N GLY F 8 29.27 -36.56 -1.04
CA GLY F 8 30.49 -36.78 -0.29
C GLY F 8 30.33 -37.60 0.97
N GLY F 9 29.10 -37.95 1.35
CA GLY F 9 28.89 -38.75 2.54
C GLY F 9 29.32 -40.19 2.35
N GLY F 10 29.30 -40.93 3.46
CA GLY F 10 29.66 -42.34 3.43
C GLY F 10 30.10 -42.92 4.75
N UNK F 11 30.81 -44.04 4.68
CA UNK F 11 31.30 -44.74 5.86
C UNK F 11 32.68 -44.20 6.27
N VAL F 12 32.81 -43.85 7.54
CA VAL F 12 34.03 -43.25 8.06
C VAL F 12 34.46 -43.96 9.34
N GLN F 13 35.76 -44.07 9.56
CA GLN F 13 36.26 -44.60 10.82
C GLN F 13 36.26 -43.48 11.85
N UNK F 14 36.10 -43.83 13.12
CA UNK F 14 36.09 -42.84 14.19
C UNK F 14 37.40 -42.07 14.27
N GLY F 15 37.38 -40.84 13.77
CA GLY F 15 38.55 -39.97 13.81
C GLY F 15 39.21 -39.69 12.48
N UNK F 16 38.52 -40.00 11.39
CA UNK F 16 39.09 -39.79 10.05
C UNK F 16 38.69 -38.43 9.48
N SER F 17 38.37 -38.40 8.20
CA SER F 17 38.11 -37.12 7.52
C SER F 17 37.23 -37.26 6.28
N LEU F 18 36.32 -36.30 6.09
CA LEU F 18 35.49 -36.26 4.89
C LEU F 18 35.37 -34.84 4.38
N UNK F 19 34.92 -34.70 3.13
CA UNK F 19 34.69 -33.40 2.53
C UNK F 19 33.37 -33.36 1.76
N LEU F 20 32.30 -32.99 2.45
CA LEU F 20 30.99 -32.86 1.82
C LEU F 20 30.95 -31.65 0.90
N SER F 21 30.20 -31.75 -0.18
CA SER F 21 30.03 -30.65 -1.12
C SER F 21 28.55 -30.45 -1.41
N CYS F 22 28.21 -29.23 -1.81
CA CYS F 22 26.86 -28.92 -2.28
C CYS F 22 26.92 -28.02 -3.50
N UNK F 23 26.41 -28.52 -4.62
CA UNK F 23 26.36 -27.73 -5.84
C UNK F 23 24.97 -27.14 -6.01
N ALA F 24 24.91 -25.85 -6.30
CA ALA F 24 23.65 -25.17 -6.51
C ALA F 24 23.40 -24.92 -7.99
N UNK F 25 22.14 -24.96 -8.39
CA UNK F 25 21.76 -24.70 -9.78
C UNK F 25 20.61 -23.69 -9.84
N UNK F 26 20.42 -23.12 -11.03
CA UNK F 26 19.35 -22.17 -11.32
C UNK F 26 19.51 -20.81 -10.63
N UNK F 27 20.56 -20.66 -9.83
CA UNK F 27 20.88 -19.38 -9.20
C UNK F 27 22.29 -19.41 -8.62
N UNK F 28 22.96 -18.26 -8.65
CA UNK F 28 24.29 -18.15 -8.06
C UNK F 28 24.17 -17.98 -6.55
N UNK F 29 25.02 -18.68 -5.81
CA UNK F 29 24.99 -18.62 -4.35
C UNK F 29 25.95 -17.56 -3.83
N UNK F 30 26.36 -16.66 -4.72
CA UNK F 30 27.37 -15.65 -4.41
C UNK F 30 26.84 -14.60 -3.44
N UNK F 31 25.64 -14.12 -3.67
CA UNK F 31 25.07 -13.02 -2.88
C UNK F 31 24.32 -13.51 -1.64
N UNK F 32 24.39 -14.82 -1.38
CA UNK F 32 23.61 -15.40 -0.29
C UNK F 32 24.45 -16.33 0.58
N UNK F 33 24.13 -16.34 1.87
CA UNK F 33 24.78 -17.25 2.80
C UNK F 33 24.31 -18.67 2.56
N UNK F 34 25.22 -19.63 2.72
CA UNK F 34 24.86 -21.04 2.58
C UNK F 34 25.12 -21.76 3.90
N UNK F 35 24.14 -22.53 4.37
CA UNK F 35 24.25 -23.13 5.69
C UNK F 35 24.13 -24.65 5.66
N TRP F 36 24.99 -25.31 6.42
CA TRP F 36 24.92 -26.76 6.61
C TRP F 36 24.21 -27.08 7.92
N UNK F 37 23.21 -27.95 7.83
CA UNK F 37 22.52 -28.47 9.00
C UNK F 37 22.57 -30.00 8.96
N ARG F 38 22.27 -30.64 10.07
CA ARG F 38 22.27 -32.10 10.10
C ARG F 38 21.12 -32.67 10.93
N GLN F 39 20.68 -33.86 10.55
CA GLN F 39 19.56 -34.52 11.20
C GLN F 39 19.91 -35.98 11.48
N UNK F 40 19.92 -36.34 12.76
CA UNK F 40 20.11 -37.72 13.17
C UNK F 40 18.75 -38.40 13.30
N PRO F 41 18.71 -39.73 13.15
CA PRO F 41 17.45 -40.48 13.19
C PRO F 41 16.59 -40.14 14.42
N GLY F 42 15.40 -39.63 14.17
CA GLY F 42 14.48 -39.26 15.25
C GLY F 42 14.79 -37.93 15.91
N UNK F 43 15.40 -37.02 15.16
CA UNK F 43 15.77 -35.71 15.69
C UNK F 43 15.44 -34.61 14.69
N UNK F 44 15.60 -33.36 15.10
CA UNK F 44 15.33 -32.22 14.24
C UNK F 44 16.62 -31.74 13.57
N ARG F 45 16.47 -31.03 12.46
CA ARG F 45 17.64 -30.53 11.72
C ARG F 45 18.39 -29.49 12.55
N GLU F 46 19.54 -29.90 13.08
CA GLU F 46 20.37 -29.03 13.90
C GLU F 46 21.35 -28.24 13.05
N UNK F 47 21.59 -26.98 13.43
CA UNK F 47 22.55 -26.14 12.73
C UNK F 47 23.97 -26.69 12.90
N VAL F 48 24.71 -26.73 11.80
CA VAL F 48 26.10 -27.19 11.85
C VAL F 48 27.01 -26.00 11.62
N UNK F 49 26.86 -25.36 10.45
CA UNK F 49 27.74 -24.25 10.10
C UNK F 49 27.12 -23.34 9.06
N UNK F 50 27.74 -22.19 8.82
CA UNK F 50 27.23 -21.26 7.84
C UNK F 50 28.37 -20.44 7.24
N UNK F 51 28.41 -20.39 5.91
CA UNK F 51 29.33 -19.52 5.20
C UNK F 51 28.54 -18.40 4.52
N UNK F 52 28.69 -17.19 5.04
CA UNK F 52 28.05 -16.02 4.45
C UNK F 52 28.82 -15.64 3.20
N UNK F 53 28.41 -14.56 2.54
CA UNK F 53 29.13 -14.05 1.37
C UNK F 53 30.59 -13.83 1.74
N UNK F 54 31.49 -13.98 0.77
CA UNK F 54 32.92 -13.84 1.02
C UNK F 54 33.24 -12.52 1.73
N UNK F 55 34.12 -12.61 2.73
CA UNK F 55 34.53 -11.51 3.60
C UNK F 55 33.53 -11.19 4.71
N UNK F 56 32.38 -11.87 4.71
CA UNK F 56 31.41 -11.72 5.79
C UNK F 56 31.58 -12.87 6.79
N UNK F 57 32.56 -13.72 6.51
CA UNK F 57 33.05 -14.76 7.40
C UNK F 57 32.12 -15.96 7.57
N UNK F 58 32.58 -16.91 8.38
CA UNK F 58 31.86 -18.16 8.61
C UNK F 58 31.62 -18.37 10.11
N UNK F 59 30.51 -19.02 10.42
CA UNK F 59 30.14 -19.28 11.80
C UNK F 59 29.83 -20.76 12.00
N UNK F 60 30.02 -21.25 13.22
CA UNK F 60 29.93 -22.69 13.45
C UNK F 60 29.15 -23.04 14.72
N UNK F 61 28.57 -24.24 14.72
CA UNK F 61 27.92 -24.76 15.91
C UNK F 61 28.99 -25.10 16.94
N ASP F 62 28.59 -25.17 18.21
CA ASP F 62 29.55 -25.38 19.30
C ASP F 62 30.19 -26.76 19.25
N SER F 63 29.41 -27.76 18.82
CA SER F 63 29.88 -29.14 18.80
C SER F 63 30.80 -29.42 17.62
N UNK F 64 30.85 -28.49 16.67
CA UNK F 64 31.65 -28.67 15.46
C UNK F 64 32.79 -27.67 15.38
N UNK F 65 32.81 -26.74 16.34
CA UNK F 65 33.81 -25.67 16.38
C UNK F 65 35.23 -26.22 16.40
N GLY F 66 36.02 -25.88 15.38
CA GLY F 66 37.40 -26.30 15.30
C GLY F 66 37.64 -27.59 14.55
N ARG F 67 36.61 -28.42 14.45
CA ARG F 67 36.71 -29.69 13.74
C ARG F 67 36.17 -29.63 12.33
N PHE F 68 35.16 -28.81 12.07
CA PHE F 68 34.58 -28.64 10.75
C PHE F 68 34.98 -27.30 10.17
N THR F 69 35.02 -27.22 8.86
CA THR F 69 35.37 -25.98 8.18
C THR F 69 34.52 -25.76 6.93
N UNK F 70 33.61 -24.79 7.00
CA UNK F 70 32.78 -24.45 5.86
C UNK F 70 33.51 -23.47 4.96
N SER F 71 33.32 -23.60 3.66
CA SER F 71 33.95 -22.71 2.69
C SER F 71 33.11 -22.62 1.42
N UNK F 72 33.42 -21.62 0.59
CA UNK F 72 32.63 -21.39 -0.61
C UNK F 72 33.51 -21.23 -1.85
N ASP F 73 32.93 -21.54 -3.00
CA ASP F 73 33.57 -21.32 -4.29
C ASP F 73 32.52 -20.79 -5.26
N UNK F 74 32.32 -19.48 -5.24
CA UNK F 74 31.27 -18.85 -6.03
C UNK F 74 31.39 -19.14 -7.52
N UNK F 75 32.62 -19.32 -7.99
CA UNK F 75 32.88 -19.63 -9.40
C UNK F 75 32.20 -20.93 -9.82
N UNK F 76 32.35 -21.96 -8.99
CA UNK F 76 31.72 -23.26 -9.28
C UNK F 76 30.33 -23.33 -8.67
N UNK F 77 29.88 -22.20 -8.11
CA UNK F 77 28.59 -22.09 -7.44
C UNK F 77 28.34 -23.24 -6.47
N UNK F 78 29.34 -23.54 -5.66
CA UNK F 78 29.27 -24.67 -4.74
C UNK F 78 29.85 -24.33 -3.38
N UNK F 79 29.38 -25.03 -2.35
CA UNK F 79 29.90 -24.87 -1.00
C UNK F 79 30.47 -26.19 -0.50
N UNK F 80 31.38 -26.12 0.47
CA UNK F 80 32.04 -27.31 0.98
C UNK F 80 32.00 -27.37 2.51
N LEU F 81 31.99 -28.59 3.04
CA LEU F 81 32.07 -28.81 4.48
C LEU F 81 33.17 -29.81 4.80
N GLN F 82 34.35 -29.30 5.12
CA GLN F 82 35.47 -30.14 5.51
C GLN F 82 35.29 -30.66 6.92
N UNK F 83 35.16 -31.98 7.06
CA UNK F 83 34.93 -32.59 8.36
C UNK F 83 36.13 -33.42 8.79
N UNK F 84 36.75 -33.04 9.90
CA UNK F 84 37.91 -33.74 10.42
C UNK F 84 37.67 -34.24 11.84
N UNK F 85 38.40 -35.28 12.23
CA UNK F 85 38.28 -35.89 13.55
C UNK F 85 36.84 -36.28 13.87
N LEU F 86 36.23 -37.04 12.97
CA LEU F 86 34.83 -37.44 13.12
C LEU F 86 34.61 -38.36 14.31
N UNK F 87 33.62 -38.02 15.13
CA UNK F 87 33.17 -38.88 16.21
C UNK F 87 31.94 -39.64 15.73
N UNK F 88 31.52 -40.65 16.47
CA UNK F 88 30.36 -41.45 16.10
C UNK F 88 29.08 -40.63 16.19
N UNK F 89 29.11 -39.56 16.99
CA UNK F 89 27.94 -38.70 17.17
C UNK F 89 27.70 -37.82 15.95
N ASP F 90 28.66 -37.79 15.03
CA ASP F 90 28.54 -36.97 13.83
C ASP F 90 27.79 -37.71 12.72
N UNK F 91 27.32 -38.91 13.02
CA UNK F 91 26.58 -39.70 12.04
C UNK F 91 25.16 -39.17 11.89
N ALA F 92 24.84 -38.68 10.68
CA ALA F 92 23.53 -38.11 10.40
C ALA F 92 23.36 -37.84 8.91
N UNK F 93 22.19 -37.33 8.53
CA UNK F 93 21.98 -36.83 7.17
C UNK F 93 22.26 -35.33 7.17
N TYR F 94 23.19 -34.91 6.32
CA TYR F 94 23.59 -33.51 6.25
C TYR F 94 22.93 -32.80 5.08
N TYR F 95 22.19 -31.75 5.39
CA TYR F 95 21.48 -30.94 4.42
C TYR F 95 22.17 -29.59 4.25
N CYS F 96 22.05 -29.04 3.05
CA CYS F 96 22.52 -27.68 2.80
C CYS F 96 21.32 -26.82 2.41
N UNK F 97 21.29 -25.60 2.93
CA UNK F 97 20.17 -24.70 2.70
C UNK F 97 20.67 -23.32 2.31
N UNK F 98 19.87 -22.62 1.51
CA UNK F 98 20.21 -21.25 1.12
C UNK F 98 19.45 -20.25 1.96
N UNK F 99 20.15 -19.27 2.51
CA UNK F 99 19.50 -18.17 3.21
C UNK F 99 19.08 -17.12 2.20
N UNK F 100 17.78 -17.04 1.95
CA UNK F 100 17.24 -16.13 0.92
C UNK F 100 17.32 -14.67 1.33
N UNK F 101 17.58 -14.43 2.62
CA UNK F 101 17.70 -13.08 3.13
C UNK F 101 19.14 -12.58 3.03
N UNK F 102 19.35 -11.52 2.26
CA UNK F 102 20.68 -10.95 2.08
C UNK F 102 21.17 -10.31 3.38
N UNK F 103 20.23 -10.00 4.27
CA UNK F 103 20.55 -9.40 5.57
C UNK F 103 20.85 -10.47 6.61
N UNK F 104 20.92 -11.72 6.16
CA UNK F 104 21.34 -12.86 6.97
C UNK F 104 20.41 -13.16 8.14
N UNK F 105 19.12 -12.91 7.97
CA UNK F 105 18.14 -13.25 9.00
C UNK F 105 17.87 -14.75 8.97
N UNK F 106 18.18 -15.36 7.83
CA UNK F 106 18.03 -16.80 7.52
C UNK F 106 16.64 -17.24 7.09
N UNK F 107 16.15 -16.67 6.01
CA UNK F 107 14.98 -17.22 5.36
C UNK F 107 15.39 -18.47 4.57
N UNK F 108 15.50 -19.59 5.26
CA UNK F 108 15.90 -20.85 4.62
C UNK F 108 14.73 -21.41 3.82
N UNK F 109 14.56 -20.92 2.60
CA UNK F 109 13.43 -21.32 1.76
C UNK F 109 13.77 -22.51 0.87
N UNK F 110 15.04 -22.62 0.48
CA UNK F 110 15.47 -23.72 -0.39
C UNK F 110 16.45 -24.64 0.32
N TRP F 111 16.14 -25.93 0.29
CA TRP F 111 16.95 -26.96 0.92
C TRP F 111 17.42 -28.00 -0.09
N GLY F 112 18.33 -28.87 0.34
CA GLY F 112 18.82 -29.95 -0.50
C GLY F 112 18.24 -31.30 -0.12
N UNK F 113 18.67 -32.34 -0.82
CA UNK F 113 18.20 -33.70 -0.55
C UNK F 113 18.99 -34.32 0.61
N GLY F 114 20.19 -33.79 0.84
CA GLY F 114 21.03 -34.24 1.93
C GLY F 114 21.93 -35.40 1.55
N THR F 115 22.90 -35.71 2.40
CA THR F 115 23.78 -36.85 2.18
C THR F 115 24.05 -37.58 3.50
N UNK F 116 24.14 -38.90 3.45
CA UNK F 116 24.32 -39.68 4.67
C UNK F 116 25.79 -39.77 5.06
N VAL F 117 26.08 -39.51 6.34
CA VAL F 117 27.43 -39.67 6.86
C VAL F 117 27.35 -40.57 8.09
N THR F 118 28.00 -41.74 8.03
CA THR F 118 27.98 -42.69 9.13
C THR F 118 29.41 -42.92 9.61
N VAL F 119 29.64 -42.75 10.90
CA VAL F 119 30.97 -42.89 11.49
C VAL F 119 31.00 -44.07 12.45
#